data_9KGM
#
_entry.id   9KGM
#
_cell.length_a   153.676
_cell.length_b   153.676
_cell.length_c   81.588
_cell.angle_alpha   90.00
_cell.angle_beta   90.00
_cell.angle_gamma   90.00
#
_symmetry.space_group_name_H-M   'P 42 21 2'
#
loop_
_entity.id
_entity.type
_entity.pdbx_description
1 polymer '4-hydroxyphenylpyruvate dioxygenase'
2 non-polymer 'COBALT (II) ION'
3 non-polymer 1,5-dimethyl-3-(2-methylphenyl)-6-(2-oxidanyl-6-oxidanylidene-cyclohexen-1-yl)carbonyl-quinazoline-2,4-dione
#
_entity_poly.entity_id   1
_entity_poly.type   'polypeptide(L)'
_entity_poly.pdbx_seq_one_letter_code
;MPPTPTPTATTGAVSAAAAAGENAGFRLVGHRRFVRANPRSDRFQALAFHHVELWCADAASAAGRFAFALGAPLAARSDL
STGNSAHASLLLRSASVAFLFTAPYGGDHGVGADAATTASIPSFSPGAARRFAADHGLAVHAVALRVADAADAFRASVAA
GARPAFQPADLGGGFGLAEVELYGDVVLRFVSHPDGADAPFLPGFEGVSNPGAVDYGLRRFDHVVGNVPELAPVAAYISG
FTGFHEFAEFTAEDVGTAESGLNSVVLANNAETVLLPLNEPVHGTKRRSQIQTYLDHHGGPGVQHIALASDDVLGTLREM
RARSAMGGFEFLAPPPPNYYDGVRRRAGDVLSEEQINECQELGVLVDRDDQGVLLQIFTKPVGDRPTFFLEMIQRIGCME
KDESGQEYQKGGCGGFGKGNFSELFKSIEEYEKSLEAKQAPTVQGS
;
_entity_poly.pdbx_strand_id   A,B
#
# COMPACT_ATOMS: atom_id res chain seq x y z
N ASN A 38 4.68 4.30 -41.60
CA ASN A 38 4.72 3.14 -40.72
C ASN A 38 4.46 1.86 -41.51
N PRO A 39 5.20 0.79 -41.19
CA PRO A 39 5.04 -0.47 -41.93
C PRO A 39 3.63 -1.05 -41.88
N ARG A 40 2.87 -0.75 -40.83
CA ARG A 40 1.53 -1.32 -40.63
C ARG A 40 1.59 -2.85 -40.68
N SER A 41 2.58 -3.41 -39.99
CA SER A 41 2.88 -4.84 -40.05
C SER A 41 2.42 -5.59 -38.81
N ASP A 42 1.46 -5.04 -38.06
CA ASP A 42 0.98 -5.71 -36.86
C ASP A 42 0.26 -7.01 -37.23
N ARG A 43 0.61 -8.09 -36.54
CA ARG A 43 -0.06 -9.37 -36.76
C ARG A 43 -1.45 -9.42 -36.16
N PHE A 44 -1.73 -8.57 -35.18
CA PHE A 44 -3.05 -8.50 -34.56
C PHE A 44 -3.43 -7.04 -34.36
N GLN A 45 -4.72 -6.81 -34.12
CA GLN A 45 -5.24 -5.45 -33.97
C GLN A 45 -4.96 -4.96 -32.56
N ALA A 46 -3.78 -4.38 -32.37
CA ALA A 46 -3.41 -3.76 -31.11
C ALA A 46 -4.20 -2.46 -30.96
N LEU A 47 -5.45 -2.61 -30.51
CA LEU A 47 -6.38 -1.48 -30.45
C LEU A 47 -5.87 -0.40 -29.51
N ALA A 48 -5.62 -0.76 -28.24
CA ALA A 48 -5.21 0.22 -27.25
C ALA A 48 -4.76 -0.52 -26.00
N PHE A 49 -4.18 0.25 -25.07
CA PHE A 49 -3.92 -0.26 -23.73
C PHE A 49 -5.23 -0.55 -23.02
N HIS A 50 -5.34 -1.72 -22.40
CA HIS A 50 -6.48 -2.03 -21.56
C HIS A 50 -6.19 -1.80 -20.09
N HIS A 51 -5.12 -2.38 -19.57
CA HIS A 51 -4.75 -2.18 -18.17
C HIS A 51 -3.30 -2.59 -17.97
N VAL A 52 -2.77 -2.23 -16.81
CA VAL A 52 -1.47 -2.69 -16.34
C VAL A 52 -1.69 -3.37 -15.00
N GLU A 53 -1.24 -4.61 -14.88
CA GLU A 53 -1.44 -5.40 -13.67
C GLU A 53 -0.17 -5.41 -12.84
N LEU A 54 -0.25 -4.92 -11.61
CA LEU A 54 0.84 -4.98 -10.65
C LEU A 54 0.62 -6.16 -9.72
N TRP A 55 1.62 -7.03 -9.62
CA TRP A 55 1.59 -8.17 -8.71
C TRP A 55 2.33 -7.80 -7.43
N CYS A 56 1.61 -7.84 -6.31
CA CYS A 56 2.16 -7.52 -5.01
C CYS A 56 1.60 -8.49 -3.98
N ALA A 57 2.12 -8.41 -2.76
CA ALA A 57 1.63 -9.21 -1.66
C ALA A 57 0.56 -8.51 -0.84
N ASP A 58 0.17 -7.30 -1.23
CA ASP A 58 -0.89 -6.56 -0.52
C ASP A 58 -1.52 -5.61 -1.52
N ALA A 59 -2.59 -6.09 -2.18
CA ALA A 59 -3.26 -5.28 -3.19
C ALA A 59 -3.98 -4.10 -2.58
N ALA A 60 -4.58 -4.28 -1.39
CA ALA A 60 -5.36 -3.21 -0.78
C ALA A 60 -4.49 -2.01 -0.44
N SER A 61 -3.27 -2.25 0.04
CA SER A 61 -2.39 -1.14 0.43
C SER A 61 -1.83 -0.43 -0.80
N ALA A 62 -1.34 -1.20 -1.78
CA ALA A 62 -0.78 -0.59 -2.98
C ALA A 62 -1.85 0.14 -3.79
N ALA A 63 -3.01 -0.48 -3.96
CA ALA A 63 -4.10 0.19 -4.66
C ALA A 63 -4.61 1.39 -3.90
N GLY A 64 -4.67 1.30 -2.58
CA GLY A 64 -5.11 2.44 -1.77
C GLY A 64 -4.16 3.62 -1.87
N ARG A 65 -2.85 3.34 -1.89
CA ARG A 65 -1.89 4.44 -2.00
C ARG A 65 -1.86 5.02 -3.41
N PHE A 66 -2.02 4.16 -4.43
CA PHE A 66 -2.05 4.65 -5.80
C PHE A 66 -3.31 5.48 -6.06
N ALA A 67 -4.45 5.05 -5.53
CA ALA A 67 -5.68 5.80 -5.72
C ALA A 67 -5.58 7.19 -5.13
N PHE A 68 -4.91 7.32 -3.99
CA PHE A 68 -4.74 8.63 -3.36
C PHE A 68 -3.70 9.46 -4.09
N ALA A 69 -2.58 8.84 -4.47
CA ALA A 69 -1.49 9.57 -5.10
C ALA A 69 -1.79 9.90 -6.57
N LEU A 70 -2.37 8.96 -7.31
CA LEU A 70 -2.66 9.18 -8.71
C LEU A 70 -4.03 9.78 -8.96
N GLY A 71 -4.92 9.76 -7.98
CA GLY A 71 -6.27 10.24 -8.19
C GLY A 71 -7.10 9.32 -9.07
N ALA A 72 -6.95 8.01 -8.89
CA ALA A 72 -7.71 7.02 -9.66
C ALA A 72 -8.60 6.24 -8.71
N PRO A 73 -9.89 6.56 -8.62
CA PRO A 73 -10.76 5.89 -7.65
C PRO A 73 -10.86 4.39 -7.92
N LEU A 74 -11.22 3.66 -6.88
CA LEU A 74 -11.50 2.24 -7.02
C LEU A 74 -12.77 2.06 -7.85
N ALA A 75 -12.62 1.47 -9.04
CA ALA A 75 -13.74 1.29 -9.95
C ALA A 75 -14.22 -0.15 -10.07
N ALA A 76 -13.45 -1.12 -9.56
CA ALA A 76 -13.84 -2.51 -9.61
C ALA A 76 -13.00 -3.29 -8.62
N ARG A 77 -13.56 -4.39 -8.12
CA ARG A 77 -12.83 -5.28 -7.23
C ARG A 77 -13.32 -6.70 -7.43
N SER A 78 -12.42 -7.65 -7.23
CA SER A 78 -12.75 -9.07 -7.33
C SER A 78 -11.94 -9.80 -6.27
N ASP A 79 -12.59 -10.14 -5.15
CA ASP A 79 -11.92 -10.82 -4.06
C ASP A 79 -12.89 -11.73 -3.32
N LEU A 80 -12.69 -11.90 -2.01
CA LEU A 80 -13.58 -12.75 -1.23
C LEU A 80 -14.99 -12.19 -1.17
N SER A 81 -15.14 -10.86 -1.19
CA SER A 81 -16.46 -10.25 -1.20
C SER A 81 -17.19 -10.44 -2.52
N THR A 82 -16.50 -10.84 -3.57
CA THR A 82 -17.12 -11.12 -4.86
C THR A 82 -17.28 -12.62 -5.12
N GLY A 83 -16.73 -13.47 -4.27
CA GLY A 83 -16.70 -14.89 -4.50
C GLY A 83 -15.37 -15.42 -4.98
N ASN A 84 -14.38 -14.56 -5.17
CA ASN A 84 -13.06 -14.94 -5.64
C ASN A 84 -12.23 -15.33 -4.42
N SER A 85 -12.10 -16.64 -4.18
CA SER A 85 -11.27 -17.16 -3.12
C SER A 85 -9.84 -17.41 -3.56
N ALA A 86 -9.52 -17.19 -4.83
CA ALA A 86 -8.20 -17.47 -5.36
C ALA A 86 -7.24 -16.29 -5.22
N HIS A 87 -7.73 -15.07 -5.41
CA HIS A 87 -6.87 -13.89 -5.34
C HIS A 87 -7.72 -12.66 -5.09
N ALA A 88 -7.08 -11.64 -4.54
CA ALA A 88 -7.70 -10.33 -4.32
C ALA A 88 -7.23 -9.38 -5.39
N SER A 89 -8.17 -8.79 -6.12
CA SER A 89 -7.86 -7.90 -7.23
C SER A 89 -8.68 -6.63 -7.11
N LEU A 90 -8.03 -5.49 -7.30
CA LEU A 90 -8.68 -4.19 -7.28
C LEU A 90 -8.29 -3.42 -8.54
N LEU A 91 -9.28 -2.87 -9.24
CA LEU A 91 -9.07 -2.10 -10.44
C LEU A 91 -9.12 -0.62 -10.12
N LEU A 92 -8.01 0.08 -10.29
CA LEU A 92 -7.97 1.53 -10.18
C LEU A 92 -8.17 2.14 -11.57
N ARG A 93 -9.06 3.11 -11.67
CA ARG A 93 -9.44 3.67 -12.95
C ARG A 93 -9.35 5.19 -12.91
N SER A 94 -8.81 5.77 -13.97
CA SER A 94 -8.82 7.21 -14.20
C SER A 94 -8.96 7.38 -15.71
N ALA A 95 -10.19 7.58 -16.18
CA ALA A 95 -10.53 7.54 -17.60
C ALA A 95 -10.12 6.19 -18.19
N SER A 96 -9.10 6.20 -19.05
CA SER A 96 -8.60 4.96 -19.63
C SER A 96 -7.46 4.35 -18.83
N VAL A 97 -6.83 5.11 -17.94
CA VAL A 97 -5.75 4.60 -17.09
C VAL A 97 -6.36 3.57 -16.14
N ALA A 98 -6.00 2.30 -16.31
CA ALA A 98 -6.55 1.21 -15.52
C ALA A 98 -5.39 0.44 -14.89
N PHE A 99 -5.10 0.73 -13.62
CA PHE A 99 -4.12 -0.03 -12.86
C PHE A 99 -4.83 -1.16 -12.13
N LEU A 100 -4.31 -2.38 -12.28
CA LEU A 100 -4.89 -3.57 -11.66
C LEU A 100 -3.91 -4.14 -10.65
N PHE A 101 -4.30 -4.13 -9.38
CA PHE A 101 -3.47 -4.65 -8.30
C PHE A 101 -4.03 -6.00 -7.86
N THR A 102 -3.18 -7.00 -7.83
CA THR A 102 -3.61 -8.37 -7.56
C THR A 102 -2.66 -9.04 -6.59
N ALA A 103 -3.21 -9.62 -5.52
CA ALA A 103 -2.44 -10.32 -4.51
C ALA A 103 -3.07 -11.67 -4.21
N PRO A 104 -2.27 -12.72 -4.04
CA PRO A 104 -2.83 -14.04 -3.74
C PRO A 104 -3.26 -14.16 -2.29
N TYR A 105 -4.15 -15.12 -2.05
CA TYR A 105 -4.54 -15.50 -0.71
C TYR A 105 -3.64 -16.63 -0.21
N GLY A 106 -3.65 -16.82 1.11
CA GLY A 106 -2.80 -17.82 1.73
C GLY A 106 -3.17 -19.26 1.45
N GLY A 107 -4.27 -19.52 0.76
CA GLY A 107 -4.67 -20.88 0.46
C GLY A 107 -3.72 -21.56 -0.51
N ASP A 108 -3.80 -22.89 -0.53
CA ASP A 108 -2.95 -23.73 -1.39
C ASP A 108 -3.83 -24.85 -1.95
N HIS A 109 -4.44 -24.59 -3.10
CA HIS A 109 -5.26 -25.58 -3.77
C HIS A 109 -4.41 -26.41 -4.72
N GLY A 110 -4.65 -27.72 -4.72
CA GLY A 110 -3.89 -28.63 -5.54
C GLY A 110 -4.22 -28.51 -7.01
N VAL A 111 -3.47 -29.27 -7.82
CA VAL A 111 -3.69 -29.25 -9.26
C VAL A 111 -4.99 -29.94 -9.63
N GLY A 112 -5.46 -30.87 -8.80
CA GLY A 112 -6.72 -31.52 -9.06
C GLY A 112 -7.91 -30.61 -8.90
N ALA A 113 -7.83 -29.66 -7.97
CA ALA A 113 -8.90 -28.69 -7.76
C ALA A 113 -8.85 -27.59 -8.81
N ALA A 115 -10.35 -27.36 -12.28
CA ALA A 115 -11.56 -27.30 -13.11
C ALA A 115 -12.55 -26.29 -12.55
N ALA A 116 -12.94 -26.48 -11.29
CA ALA A 116 -13.91 -25.59 -10.64
C ALA A 116 -13.18 -24.63 -9.71
N THR A 117 -12.49 -23.69 -10.34
CA THR A 117 -11.82 -22.62 -9.60
C THR A 117 -12.73 -21.39 -9.52
N THR A 118 -12.36 -20.45 -8.66
CA THR A 118 -13.13 -19.23 -8.45
C THR A 118 -12.36 -17.98 -8.85
N ALA A 119 -11.23 -18.13 -9.54
CA ALA A 119 -10.40 -16.98 -9.90
C ALA A 119 -11.06 -16.16 -10.99
N SER A 120 -10.99 -14.84 -10.84
CA SER A 120 -11.48 -13.94 -11.89
C SER A 120 -10.52 -13.94 -13.07
N ILE A 121 -9.22 -13.83 -12.79
CA ILE A 121 -8.18 -13.88 -13.82
C ILE A 121 -7.67 -15.32 -13.88
N PRO A 122 -8.01 -16.10 -14.90
CA PRO A 122 -7.61 -17.51 -14.92
C PRO A 122 -6.12 -17.72 -15.12
N SER A 123 -5.39 -16.73 -15.63
CA SER A 123 -3.95 -16.84 -15.77
C SER A 123 -3.22 -16.70 -14.44
N PHE A 124 -3.94 -16.44 -13.34
CA PHE A 124 -3.32 -16.22 -12.06
C PHE A 124 -2.96 -17.55 -11.40
N SER A 125 -1.72 -17.67 -10.95
CA SER A 125 -1.27 -18.79 -10.15
C SER A 125 -0.71 -18.30 -8.83
N PRO A 126 -1.01 -18.98 -7.72
CA PRO A 126 -0.58 -18.46 -6.41
C PRO A 126 0.92 -18.48 -6.22
N GLY A 127 1.61 -19.50 -6.72
CA GLY A 127 3.04 -19.58 -6.53
C GLY A 127 3.81 -18.54 -7.31
N ALA A 128 3.42 -18.32 -8.57
CA ALA A 128 4.09 -17.32 -9.39
C ALA A 128 3.84 -15.91 -8.89
N ALA A 129 2.78 -15.69 -8.11
CA ALA A 129 2.52 -14.37 -7.55
C ALA A 129 3.35 -14.12 -6.30
N ARG A 130 3.63 -15.16 -5.51
CA ARG A 130 4.48 -14.98 -4.33
C ARG A 130 5.95 -14.89 -4.72
N ARG A 131 6.39 -15.72 -5.67
CA ARG A 131 7.76 -15.61 -6.18
C ARG A 131 7.97 -14.26 -6.88
N PHE A 132 6.90 -13.68 -7.44
CA PHE A 132 7.01 -12.37 -8.06
C PHE A 132 7.17 -11.28 -7.01
N ALA A 133 6.44 -11.39 -5.89
CA ALA A 133 6.55 -10.40 -4.83
C ALA A 133 7.85 -10.55 -4.05
N ALA A 134 8.35 -11.77 -3.89
CA ALA A 134 9.60 -11.97 -3.17
C ALA A 134 10.79 -11.46 -3.98
N ASP A 135 10.76 -11.64 -5.30
CA ASP A 135 11.90 -11.26 -6.13
C ASP A 135 11.88 -9.78 -6.47
N HIS A 136 10.77 -9.29 -7.02
CA HIS A 136 10.70 -7.95 -7.58
C HIS A 136 10.04 -6.93 -6.68
N GLY A 137 9.34 -7.36 -5.62
CA GLY A 137 8.70 -6.38 -4.76
C GLY A 137 7.44 -5.90 -5.44
N LEU A 138 7.22 -4.59 -5.41
CA LEU A 138 6.09 -3.96 -6.11
C LEU A 138 6.55 -3.60 -7.51
N ALA A 139 6.21 -4.45 -8.47
CA ALA A 139 6.47 -4.20 -9.88
C ALA A 139 5.32 -4.77 -10.69
N VAL A 140 5.09 -4.21 -11.86
CA VAL A 140 3.99 -4.68 -12.69
C VAL A 140 4.33 -6.05 -13.26
N HIS A 141 3.31 -6.89 -13.40
CA HIS A 141 3.47 -8.25 -13.90
C HIS A 141 2.95 -8.43 -15.32
N ALA A 142 1.94 -7.67 -15.72
CA ALA A 142 1.32 -7.83 -17.02
C ALA A 142 1.00 -6.47 -17.62
N VAL A 143 1.27 -6.34 -18.93
CA VAL A 143 0.85 -5.19 -19.72
C VAL A 143 -0.23 -5.70 -20.66
N ALA A 144 -1.46 -5.22 -20.48
CA ALA A 144 -2.61 -5.74 -21.20
C ALA A 144 -2.92 -4.84 -22.39
N LEU A 145 -2.88 -5.40 -23.58
CA LEU A 145 -3.29 -4.72 -24.80
C LEU A 145 -4.67 -5.23 -25.21
N ARG A 146 -5.59 -4.31 -25.50
CA ARG A 146 -6.89 -4.70 -26.00
C ARG A 146 -6.77 -5.06 -27.48
N VAL A 147 -7.15 -6.28 -27.83
CA VAL A 147 -7.01 -6.80 -29.19
C VAL A 147 -8.40 -7.05 -29.76
N ALA A 148 -8.45 -7.25 -31.08
CA ALA A 148 -9.70 -7.61 -31.73
C ALA A 148 -10.21 -8.95 -31.21
N ASP A 149 -9.34 -9.95 -31.15
CA ASP A 149 -9.68 -11.24 -30.58
C ASP A 149 -8.45 -11.82 -29.89
N ALA A 150 -8.68 -12.43 -28.73
CA ALA A 150 -7.58 -12.95 -27.91
C ALA A 150 -6.98 -14.22 -28.50
N ALA A 151 -7.82 -15.16 -28.96
CA ALA A 151 -7.31 -16.38 -29.55
C ALA A 151 -6.49 -16.08 -30.80
N ASP A 152 -6.92 -15.12 -31.61
CA ASP A 152 -6.19 -14.78 -32.82
C ASP A 152 -4.90 -14.02 -32.50
N ALA A 153 -4.91 -13.19 -31.46
CA ALA A 153 -3.70 -12.50 -31.05
C ALA A 153 -2.66 -13.48 -30.51
N PHE A 154 -3.11 -14.49 -29.77
CA PHE A 154 -2.20 -15.50 -29.25
C PHE A 154 -1.64 -16.35 -30.38
N ARG A 155 -2.48 -16.79 -31.31
CA ARG A 155 -2.03 -17.63 -32.41
C ARG A 155 -1.03 -16.89 -33.30
N ALA A 156 -1.37 -15.65 -33.67
CA ALA A 156 -0.46 -14.87 -34.51
C ALA A 156 0.87 -14.60 -33.81
N SER A 157 0.84 -14.52 -32.47
CA SER A 157 2.07 -14.27 -31.73
C SER A 157 2.94 -15.52 -31.67
N VAL A 158 2.35 -16.65 -31.25
CA VAL A 158 3.14 -17.87 -31.08
C VAL A 158 3.65 -18.38 -32.43
N ALA A 159 2.94 -18.08 -33.51
CA ALA A 159 3.41 -18.47 -34.85
C ALA A 159 4.61 -17.66 -35.29
N ALA A 160 4.91 -16.54 -34.62
CA ALA A 160 6.06 -15.71 -34.94
C ALA A 160 7.15 -15.79 -33.87
N GLY A 161 7.13 -16.84 -33.06
CA GLY A 161 8.19 -17.07 -32.09
C GLY A 161 7.93 -16.61 -30.68
N ALA A 162 6.68 -16.31 -30.33
CA ALA A 162 6.37 -15.85 -28.99
C ALA A 162 6.29 -17.02 -28.02
N ARG A 163 6.82 -16.83 -26.82
CA ARG A 163 6.75 -17.84 -25.78
C ARG A 163 5.39 -17.80 -25.10
N PRO A 164 4.60 -18.86 -25.16
CA PRO A 164 3.27 -18.83 -24.55
C PRO A 164 3.33 -18.75 -23.04
N ALA A 165 2.52 -17.87 -22.47
CA ALA A 165 2.39 -17.75 -21.02
C ALA A 165 1.10 -18.35 -20.49
N PHE A 166 0.01 -18.20 -21.23
CA PHE A 166 -1.29 -18.75 -20.82
C PHE A 166 -2.14 -18.92 -22.08
N GLN A 167 -2.51 -20.16 -22.39
CA GLN A 167 -3.29 -20.43 -23.60
C GLN A 167 -4.61 -19.65 -23.55
N PRO A 168 -5.16 -19.32 -24.72
CA PRO A 168 -6.37 -18.47 -24.74
C PRO A 168 -7.54 -19.13 -24.03
N ALA A 169 -8.41 -18.29 -23.48
CA ALA A 169 -9.63 -18.73 -22.83
C ALA A 169 -10.70 -17.69 -23.07
N ASP A 170 -11.93 -18.04 -22.70
CA ASP A 170 -13.08 -17.14 -22.80
C ASP A 170 -13.61 -16.93 -21.39
N LEU A 171 -13.35 -15.75 -20.82
CA LEU A 171 -13.71 -15.44 -19.44
C LEU A 171 -15.21 -15.41 -19.20
N GLY A 172 -16.02 -15.54 -20.23
CA GLY A 172 -17.45 -15.36 -20.14
C GLY A 172 -17.92 -14.16 -20.93
N GLY A 173 -19.19 -14.18 -21.31
CA GLY A 173 -19.71 -13.15 -22.18
C GLY A 173 -18.94 -13.14 -23.49
N GLY A 174 -18.47 -11.96 -23.88
CA GLY A 174 -17.58 -11.82 -25.01
C GLY A 174 -16.13 -11.64 -24.65
N PHE A 175 -15.77 -11.79 -23.38
CA PHE A 175 -14.41 -11.51 -22.92
C PHE A 175 -13.50 -12.70 -23.18
N GLY A 176 -12.37 -12.44 -23.80
CA GLY A 176 -11.36 -13.46 -24.02
C GLY A 176 -10.00 -13.00 -23.54
N LEU A 177 -9.23 -13.96 -23.02
CA LEU A 177 -7.94 -13.69 -22.41
C LEU A 177 -6.84 -14.48 -23.12
N ALA A 178 -5.65 -13.89 -23.16
CA ALA A 178 -4.46 -14.56 -23.69
C ALA A 178 -3.24 -13.86 -23.11
N GLU A 179 -2.16 -14.63 -22.95
CA GLU A 179 -0.95 -14.11 -22.31
C GLU A 179 0.29 -14.68 -22.98
N VAL A 180 1.20 -13.79 -23.36
CA VAL A 180 2.52 -14.17 -23.87
C VAL A 180 3.55 -13.25 -23.24
N GLU A 181 4.78 -13.76 -23.11
CA GLU A 181 5.83 -13.03 -22.42
C GLU A 181 6.48 -12.00 -23.35
N LEU A 182 6.97 -10.91 -22.75
CA LEU A 182 7.82 -9.97 -23.47
C LEU A 182 9.20 -9.92 -22.83
N TYR A 183 9.37 -9.14 -21.77
CA TYR A 183 10.67 -8.97 -21.11
C TYR A 183 10.59 -9.55 -19.70
N GLY A 184 11.08 -10.77 -19.55
CA GLY A 184 11.17 -11.41 -18.24
C GLY A 184 9.84 -11.92 -17.72
N ASP A 185 9.62 -11.75 -16.40
CA ASP A 185 8.37 -12.17 -15.80
C ASP A 185 7.20 -11.28 -16.20
N VAL A 186 7.46 -10.15 -16.87
CA VAL A 186 6.39 -9.31 -17.37
C VAL A 186 5.68 -10.03 -18.51
N VAL A 187 4.37 -9.81 -18.61
CA VAL A 187 3.51 -10.52 -19.54
C VAL A 187 2.82 -9.53 -20.45
N LEU A 188 2.75 -9.85 -21.75
CA LEU A 188 1.95 -9.10 -22.70
C LEU A 188 0.58 -9.76 -22.79
N ARG A 189 -0.25 -9.47 -21.79
CA ARG A 189 -1.58 -10.06 -21.71
C ARG A 189 -2.47 -9.48 -22.80
N PHE A 190 -3.25 -10.37 -23.43
CA PHE A 190 -4.20 -9.98 -24.47
C PHE A 190 -5.61 -10.12 -23.93
N VAL A 191 -6.41 -9.07 -24.11
CA VAL A 191 -7.79 -9.02 -23.64
C VAL A 191 -8.68 -8.68 -24.82
N SER A 192 -9.85 -9.31 -24.88
CA SER A 192 -10.72 -9.17 -26.04
C SER A 192 -12.17 -9.09 -25.60
N HIS A 193 -12.68 -7.87 -25.51
CA HIS A 193 -14.12 -7.63 -25.47
C HIS A 193 -14.47 -6.72 -26.66
N PRO A 194 -15.15 -7.23 -27.69
CA PRO A 194 -15.58 -6.37 -28.79
C PRO A 194 -16.62 -5.34 -28.37
N ASP A 195 -17.10 -5.41 -27.13
CA ASP A 195 -18.12 -4.51 -26.62
C ASP A 195 -17.64 -3.06 -26.60
N ALA A 199 -21.38 -4.32 -19.61
CA ALA A 199 -20.18 -5.14 -19.41
C ALA A 199 -19.18 -4.42 -18.52
N PRO A 200 -18.55 -5.17 -17.61
CA PRO A 200 -17.61 -4.54 -16.67
C PRO A 200 -16.21 -4.45 -17.24
N PHE A 201 -15.23 -4.18 -16.38
CA PHE A 201 -13.83 -4.27 -16.78
C PHE A 201 -13.49 -5.70 -17.20
N LEU A 202 -13.78 -6.66 -16.34
CA LEU A 202 -13.62 -8.08 -16.62
C LEU A 202 -14.74 -8.82 -15.92
N PRO A 203 -15.15 -9.98 -16.43
CA PRO A 203 -16.18 -10.77 -15.75
C PRO A 203 -15.73 -11.16 -14.35
N GLY A 204 -16.67 -11.15 -13.41
CA GLY A 204 -16.37 -11.43 -12.02
C GLY A 204 -15.85 -10.24 -11.24
N PHE A 205 -15.84 -9.05 -11.83
CA PHE A 205 -15.39 -7.84 -11.18
C PHE A 205 -16.60 -6.97 -10.83
N GLU A 206 -16.85 -6.80 -9.54
CA GLU A 206 -17.92 -5.93 -9.08
C GLU A 206 -17.44 -4.48 -9.13
N GLY A 207 -18.12 -3.68 -9.94
CA GLY A 207 -17.76 -2.28 -10.05
C GLY A 207 -18.01 -1.52 -8.76
N VAL A 208 -17.09 -0.62 -8.43
CA VAL A 208 -17.15 0.18 -7.22
C VAL A 208 -17.34 1.63 -7.61
N SER A 209 -18.38 2.26 -7.05
CA SER A 209 -18.69 3.67 -7.29
C SER A 209 -18.68 4.38 -5.95
N ASN A 210 -17.56 5.02 -5.63
CA ASN A 210 -17.42 5.73 -4.36
C ASN A 210 -17.93 7.16 -4.51
N PRO A 211 -18.98 7.56 -3.79
CA PRO A 211 -19.42 8.95 -3.86
C PRO A 211 -18.37 9.88 -3.27
N GLY A 212 -18.18 11.03 -3.92
CA GLY A 212 -17.14 11.96 -3.54
C GLY A 212 -15.78 11.67 -4.14
N ALA A 213 -15.65 10.59 -4.91
CA ALA A 213 -14.38 10.25 -5.55
C ALA A 213 -14.05 11.29 -6.61
N VAL A 214 -12.91 11.96 -6.44
CA VAL A 214 -12.47 12.97 -7.37
C VAL A 214 -11.36 12.41 -8.25
N ASP A 215 -11.04 13.12 -9.32
CA ASP A 215 -10.00 12.72 -10.26
C ASP A 215 -9.10 13.91 -10.55
N TYR A 216 -7.81 13.64 -10.74
CA TYR A 216 -6.86 14.72 -11.00
C TYR A 216 -6.89 15.15 -12.45
N GLY A 217 -6.83 14.19 -13.37
CA GLY A 217 -6.86 14.51 -14.78
C GLY A 217 -6.15 13.50 -15.66
N LEU A 218 -5.71 12.39 -15.08
CA LEU A 218 -5.08 11.33 -15.87
C LEU A 218 -6.06 10.78 -16.88
N ARG A 219 -5.56 10.51 -18.09
CA ARG A 219 -6.44 10.08 -19.17
C ARG A 219 -5.98 8.78 -19.82
N ARG A 220 -4.70 8.68 -20.17
CA ARG A 220 -4.25 7.61 -21.06
C ARG A 220 -2.91 7.05 -20.61
N PHE A 221 -2.73 5.74 -20.78
CA PHE A 221 -1.41 5.13 -20.74
C PHE A 221 -0.65 5.57 -21.99
N ASP A 222 0.42 6.34 -21.80
CA ASP A 222 1.18 6.80 -22.97
C ASP A 222 2.18 5.75 -23.44
N HIS A 223 3.06 5.31 -22.55
CA HIS A 223 3.99 4.25 -22.89
C HIS A 223 4.42 3.51 -21.64
N VAL A 224 4.65 2.20 -21.79
CA VAL A 224 5.14 1.33 -20.74
C VAL A 224 6.54 0.88 -21.14
N VAL A 225 7.54 1.30 -20.37
CA VAL A 225 8.94 1.10 -20.71
C VAL A 225 9.50 -0.07 -19.92
N GLY A 226 10.23 -0.95 -20.61
CA GLY A 226 10.95 -2.02 -19.95
C GLY A 226 12.44 -1.77 -19.90
N ASN A 227 13.11 -2.39 -18.93
CA ASN A 227 14.57 -2.26 -18.79
C ASN A 227 15.17 -3.66 -18.89
N VAL A 228 15.81 -3.97 -20.01
CA VAL A 228 16.05 -5.38 -20.42
C VAL A 228 17.55 -5.65 -20.30
N PRO A 229 17.98 -6.90 -20.01
CA PRO A 229 19.38 -7.19 -19.85
C PRO A 229 20.03 -6.64 -21.09
N GLU A 230 19.53 -7.11 -22.22
CA GLU A 230 20.20 -6.87 -23.52
C GLU A 230 19.13 -6.55 -24.55
N LEU A 231 19.34 -5.47 -25.29
CA LEU A 231 18.26 -4.85 -26.04
C LEU A 231 18.00 -5.57 -27.37
N ALA A 232 19.06 -5.84 -28.12
CA ALA A 232 18.90 -6.41 -29.45
C ALA A 232 18.12 -7.73 -29.48
N PRO A 233 18.36 -8.71 -28.58
CA PRO A 233 17.59 -9.96 -28.64
C PRO A 233 16.10 -9.78 -28.38
N VAL A 234 15.77 -9.09 -27.29
CA VAL A 234 14.37 -8.97 -26.89
C VAL A 234 13.61 -8.04 -27.83
N ALA A 235 14.27 -6.97 -28.31
CA ALA A 235 13.61 -6.08 -29.26
C ALA A 235 13.31 -6.81 -30.56
N ALA A 236 14.22 -7.69 -30.99
CA ALA A 236 13.94 -8.54 -32.13
C ALA A 236 12.89 -9.58 -31.80
N TYR A 237 12.90 -10.09 -30.56
CA TYR A 237 11.88 -11.05 -30.14
C TYR A 237 10.50 -10.41 -30.09
N ILE A 238 10.39 -9.24 -29.44
CA ILE A 238 9.09 -8.58 -29.33
C ILE A 238 8.58 -8.19 -30.72
N SER A 239 9.35 -7.38 -31.45
CA SER A 239 8.93 -6.93 -32.77
C SER A 239 8.58 -8.09 -33.70
N GLY A 240 9.18 -9.25 -33.48
CA GLY A 240 8.87 -10.41 -34.31
C GLY A 240 7.43 -10.87 -34.14
N PHE A 241 7.01 -11.10 -32.90
CA PHE A 241 5.69 -11.68 -32.65
C PHE A 241 4.58 -10.65 -32.59
N THR A 242 4.90 -9.37 -32.39
CA THR A 242 3.88 -8.33 -32.32
C THR A 242 3.77 -7.52 -33.59
N GLY A 243 4.74 -7.63 -34.50
CA GLY A 243 4.70 -6.84 -35.72
C GLY A 243 4.93 -5.37 -35.53
N PHE A 244 5.31 -4.92 -34.34
CA PHE A 244 5.58 -3.51 -34.11
C PHE A 244 6.81 -3.08 -34.89
N HIS A 245 6.86 -1.79 -35.20
CA HIS A 245 8.01 -1.17 -35.85
C HIS A 245 8.76 -0.29 -34.86
N GLU A 246 9.89 0.23 -35.32
CA GLU A 246 10.66 1.13 -34.48
C GLU A 246 10.05 2.53 -34.50
N PHE A 247 10.54 3.39 -33.62
CA PHE A 247 9.95 4.70 -33.45
C PHE A 247 11.01 5.72 -33.09
N ALA A 248 10.92 6.90 -33.69
CA ALA A 248 11.84 7.99 -33.43
C ALA A 248 11.20 9.34 -33.76
N GLY A 256 19.13 13.65 -29.55
CA GLY A 256 20.08 14.20 -28.60
C GLY A 256 20.80 13.14 -27.79
N THR A 257 21.91 12.65 -28.32
CA THR A 257 22.71 11.66 -27.60
C THR A 257 23.30 12.28 -26.35
N ALA A 258 23.13 11.59 -25.22
CA ALA A 258 23.58 12.07 -23.93
C ALA A 258 24.64 11.12 -23.35
N GLU A 259 25.32 11.60 -22.31
CA GLU A 259 26.38 10.85 -21.65
C GLU A 259 25.90 10.09 -20.42
N SER A 260 24.99 10.67 -19.63
CA SER A 260 24.51 10.06 -18.40
C SER A 260 23.28 9.19 -18.61
N GLY A 261 23.27 8.38 -19.67
CA GLY A 261 22.06 7.67 -20.04
C GLY A 261 22.20 6.17 -20.28
N LEU A 262 21.76 5.74 -21.46
CA LEU A 262 21.49 4.33 -21.74
C LEU A 262 21.37 4.17 -23.25
N ASN A 263 20.91 2.99 -23.68
CA ASN A 263 20.52 2.72 -25.05
C ASN A 263 19.03 2.37 -25.06
N SER A 264 18.36 2.68 -26.18
CA SER A 264 16.92 2.52 -26.21
C SER A 264 16.43 2.32 -27.63
N VAL A 265 15.20 1.80 -27.74
CA VAL A 265 14.44 1.74 -28.98
C VAL A 265 12.97 1.56 -28.61
N VAL A 266 12.10 2.32 -29.25
CA VAL A 266 10.67 2.34 -28.93
C VAL A 266 9.92 1.59 -30.02
N LEU A 267 9.05 0.68 -29.61
CA LEU A 267 8.17 -0.03 -30.52
C LEU A 267 6.76 0.54 -30.43
N ALA A 268 5.99 0.35 -31.51
CA ALA A 268 4.66 0.94 -31.59
C ALA A 268 3.81 0.15 -32.57
N ASN A 269 2.50 0.25 -32.40
CA ASN A 269 1.55 -0.43 -33.28
C ASN A 269 1.24 0.46 -34.48
N ASN A 270 0.18 0.12 -35.22
CA ASN A 270 -0.15 0.85 -36.45
C ASN A 270 -0.41 2.32 -36.15
N ALA A 271 -1.45 2.61 -35.38
CA ALA A 271 -1.81 3.98 -35.04
C ALA A 271 -0.91 4.60 -33.98
N GLU A 272 0.17 3.90 -33.59
CA GLU A 272 1.08 4.36 -32.54
C GLU A 272 0.33 4.64 -31.24
N THR A 273 -0.78 3.93 -31.03
CA THR A 273 -1.53 4.08 -29.78
C THR A 273 -0.73 3.54 -28.61
N VAL A 274 -0.24 2.32 -28.72
CA VAL A 274 0.53 1.67 -27.66
C VAL A 274 2.01 1.79 -28.00
N LEU A 275 2.80 2.26 -27.04
CA LEU A 275 4.24 2.40 -27.20
C LEU A 275 4.93 1.50 -26.19
N LEU A 276 5.85 0.66 -26.68
CA LEU A 276 6.59 -0.27 -25.84
C LEU A 276 8.08 0.05 -25.97
N PRO A 277 8.56 1.09 -25.30
CA PRO A 277 10.00 1.37 -25.29
C PRO A 277 10.75 0.32 -24.49
N LEU A 278 12.00 0.10 -24.89
CA LEU A 278 12.88 -0.87 -24.25
C LEU A 278 14.23 -0.23 -24.00
N ASN A 279 14.83 -0.55 -22.85
CA ASN A 279 16.07 0.06 -22.41
C ASN A 279 17.15 -0.99 -22.21
N GLU A 280 18.40 -0.58 -22.38
CA GLU A 280 19.57 -1.40 -22.11
C GLU A 280 20.64 -0.53 -21.49
N PRO A 281 21.42 -1.07 -20.57
CA PRO A 281 22.45 -0.27 -19.90
C PRO A 281 23.72 -0.16 -20.72
N VAL A 282 24.54 0.82 -20.36
CA VAL A 282 25.86 1.02 -20.95
C VAL A 282 26.91 0.65 -19.92
N HIS A 283 27.83 -0.23 -20.30
CA HIS A 283 28.82 -0.78 -19.39
C HIS A 283 30.16 -0.09 -19.59
N GLY A 284 30.95 -0.07 -18.52
CA GLY A 284 32.19 0.68 -18.53
C GLY A 284 31.98 2.17 -18.74
N THR A 285 30.86 2.70 -18.25
CA THR A 285 30.47 4.09 -18.47
C THR A 285 30.56 4.90 -17.16
N LYS A 286 31.60 4.66 -16.37
CA LYS A 286 31.89 5.40 -15.15
C LYS A 286 30.74 5.33 -14.16
N ARG A 287 29.92 6.37 -14.11
CA ARG A 287 28.86 6.45 -13.11
C ARG A 287 27.87 5.29 -13.28
N ARG A 288 27.33 4.83 -12.15
CA ARG A 288 26.41 3.72 -12.15
C ARG A 288 25.17 4.04 -12.99
N SER A 289 24.97 3.26 -14.04
CA SER A 289 23.84 3.50 -14.95
C SER A 289 22.52 3.35 -14.20
N GLN A 290 21.58 4.24 -14.51
CA GLN A 290 20.26 4.19 -13.90
C GLN A 290 19.40 3.06 -14.44
N ILE A 291 19.95 2.22 -15.31
CA ILE A 291 19.25 1.07 -15.86
C ILE A 291 19.79 -0.24 -15.32
N GLN A 292 21.12 -0.33 -15.16
CA GLN A 292 21.70 -1.55 -14.60
C GLN A 292 21.37 -1.69 -13.12
N THR A 293 21.45 -0.59 -12.37
CA THR A 293 21.06 -0.62 -10.96
C THR A 293 19.61 -1.03 -10.80
N TYR A 294 18.78 -0.78 -11.82
CA TYR A 294 17.43 -1.32 -11.83
C TYR A 294 17.47 -2.85 -11.92
N LEU A 295 18.20 -3.38 -12.91
CA LEU A 295 18.28 -4.83 -13.07
C LEU A 295 18.90 -5.51 -11.85
N ASP A 296 19.80 -4.82 -11.15
CA ASP A 296 20.39 -5.41 -9.95
C ASP A 296 19.40 -5.43 -8.79
N HIS A 297 18.64 -4.35 -8.63
CA HIS A 297 17.67 -4.29 -7.54
C HIS A 297 16.38 -5.03 -7.87
N HIS A 298 16.04 -5.13 -9.15
CA HIS A 298 14.81 -5.81 -9.55
C HIS A 298 14.98 -7.31 -9.70
N GLY A 299 16.21 -7.79 -9.93
CA GLY A 299 16.45 -9.20 -10.13
C GLY A 299 16.05 -9.67 -11.52
N GLY A 300 16.56 -8.99 -12.54
CA GLY A 300 16.25 -9.33 -13.91
C GLY A 300 15.49 -8.22 -14.61
N PRO A 301 15.03 -8.49 -15.83
CA PRO A 301 14.30 -7.47 -16.59
C PRO A 301 12.91 -7.23 -15.99
N GLY A 302 12.42 -6.00 -16.19
CA GLY A 302 11.11 -5.63 -15.73
C GLY A 302 10.68 -4.33 -16.39
N VAL A 303 9.56 -3.80 -15.90
CA VAL A 303 9.02 -2.54 -16.40
C VAL A 303 9.58 -1.41 -15.54
N GLN A 304 10.31 -0.49 -16.18
CA GLN A 304 10.93 0.61 -15.45
C GLN A 304 9.88 1.62 -14.99
N HIS A 305 9.18 2.23 -15.94
CA HIS A 305 8.19 3.25 -15.61
C HIS A 305 7.02 3.17 -16.58
N ILE A 306 5.97 3.91 -16.25
CA ILE A 306 4.78 4.00 -17.06
C ILE A 306 4.44 5.47 -17.26
N ALA A 307 4.27 5.89 -18.51
CA ALA A 307 3.87 7.24 -18.82
C ALA A 307 2.35 7.34 -18.83
N LEU A 308 1.82 8.32 -18.12
CA LEU A 308 0.38 8.53 -18.01
C LEU A 308 0.04 9.87 -18.65
N ALA A 309 -0.75 9.84 -19.72
CA ALA A 309 -1.11 11.07 -20.41
C ALA A 309 -2.13 11.86 -19.60
N SER A 310 -2.16 13.16 -19.83
CA SER A 310 -3.06 14.06 -19.12
C SER A 310 -3.41 15.24 -20.02
N ASP A 311 -4.65 15.71 -19.90
CA ASP A 311 -5.06 16.91 -20.62
C ASP A 311 -4.40 18.15 -20.03
N ASP A 312 -4.23 18.18 -18.70
CA ASP A 312 -3.62 19.30 -17.99
C ASP A 312 -2.65 18.70 -16.97
N VAL A 313 -1.43 18.42 -17.43
CA VAL A 313 -0.40 17.87 -16.53
C VAL A 313 -0.10 18.86 -15.42
N LEU A 314 -0.29 20.15 -15.66
CA LEU A 314 -0.04 21.15 -14.63
C LEU A 314 -1.07 21.04 -13.52
N GLY A 315 -2.37 21.14 -13.86
CA GLY A 315 -3.40 20.99 -12.86
C GLY A 315 -3.39 19.63 -12.19
N THR A 316 -3.02 18.59 -12.94
CA THR A 316 -2.93 17.26 -12.35
C THR A 316 -1.76 17.16 -11.37
N LEU A 317 -0.61 17.73 -11.73
CA LEU A 317 0.54 17.69 -10.84
C LEU A 317 0.30 18.50 -9.57
N ARG A 318 -0.43 19.62 -9.69
CA ARG A 318 -0.69 20.45 -8.53
C ARG A 318 -1.51 19.71 -7.48
N GLU A 319 -2.34 18.75 -7.91
CA GLU A 319 -3.09 17.92 -6.98
C GLU A 319 -2.30 16.70 -6.51
N MET A 320 -1.40 16.17 -7.35
CA MET A 320 -0.59 15.03 -6.93
C MET A 320 0.44 15.43 -5.90
N ARG A 321 1.13 16.57 -6.12
CA ARG A 321 2.09 17.06 -5.15
C ARG A 321 1.45 17.45 -3.81
N ALA A 322 0.16 17.80 -3.81
CA ALA A 322 -0.53 18.06 -2.56
C ALA A 322 -0.70 16.80 -1.71
N ARG A 323 -0.50 15.62 -2.30
CA ARG A 323 -0.60 14.36 -1.58
C ARG A 323 0.75 13.79 -1.18
N SER A 324 1.84 14.29 -1.76
CA SER A 324 3.17 13.75 -1.47
C SER A 324 3.53 13.84 0.01
N ALA A 325 2.92 14.76 0.75
CA ALA A 325 3.20 14.86 2.18
C ALA A 325 2.51 13.74 2.95
N MET A 326 1.28 13.41 2.59
CA MET A 326 0.51 12.38 3.28
C MET A 326 0.55 11.05 2.52
N GLY A 327 1.77 10.53 2.37
CA GLY A 327 1.94 9.21 1.81
C GLY A 327 1.75 9.11 0.31
N GLY A 328 1.67 10.24 -0.38
CA GLY A 328 1.57 10.24 -1.82
C GLY A 328 2.86 9.88 -2.49
N PHE A 329 2.96 10.24 -3.77
CA PHE A 329 4.13 9.97 -4.58
C PHE A 329 5.11 11.13 -4.45
N GLU A 330 6.29 10.85 -3.91
CA GLU A 330 7.36 11.82 -3.86
C GLU A 330 7.98 11.96 -5.25
N PHE A 331 8.15 13.20 -5.70
CA PHE A 331 8.72 13.47 -7.01
C PHE A 331 10.20 13.81 -6.89
N LEU A 332 10.90 13.67 -8.01
CA LEU A 332 12.31 14.00 -8.04
C LEU A 332 12.54 15.47 -7.71
N ALA A 333 13.73 15.77 -7.22
CA ALA A 333 14.06 17.14 -6.86
C ALA A 333 13.92 18.03 -8.08
N PRO A 334 13.39 19.25 -7.91
CA PRO A 334 13.13 20.08 -9.09
C PRO A 334 14.42 20.46 -9.77
N PRO A 335 14.36 20.74 -11.08
CA PRO A 335 15.56 21.18 -11.78
C PRO A 335 16.00 22.53 -11.28
N PRO A 336 17.29 22.85 -11.34
CA PRO A 336 17.77 24.16 -10.94
C PRO A 336 17.18 25.25 -11.83
N PRO A 337 17.09 26.48 -11.34
CA PRO A 337 16.42 27.53 -12.13
C PRO A 337 17.06 27.81 -13.48
N ASN A 338 18.33 27.46 -13.68
CA ASN A 338 18.95 27.64 -14.98
C ASN A 338 18.26 26.79 -16.04
N TYR A 339 17.63 25.69 -15.63
CA TYR A 339 16.93 24.85 -16.58
C TYR A 339 15.72 25.57 -17.17
N TYR A 340 14.88 26.15 -16.32
CA TYR A 340 13.65 26.77 -16.80
C TYR A 340 13.89 28.10 -17.50
N ASP A 341 15.04 28.75 -17.25
CA ASP A 341 15.45 29.85 -18.09
C ASP A 341 15.98 29.36 -19.44
N GLY A 342 16.43 28.10 -19.50
CA GLY A 342 16.86 27.53 -20.77
C GLY A 342 15.72 26.98 -21.60
N VAL A 343 14.64 26.55 -20.95
CA VAL A 343 13.49 26.06 -21.71
C VAL A 343 12.75 27.20 -22.40
N ARG A 344 12.89 28.43 -21.91
CA ARG A 344 12.28 29.57 -22.58
C ARG A 344 12.94 29.83 -23.93
N ARG A 345 14.27 29.73 -23.98
CA ARG A 345 15.01 29.89 -25.23
C ARG A 345 14.79 28.70 -26.18
N ARG A 346 14.28 27.58 -25.69
CA ARG A 346 14.01 26.41 -26.51
C ARG A 346 12.55 26.20 -26.83
N ALA A 347 11.63 26.56 -25.92
CA ALA A 347 10.21 26.32 -26.14
C ALA A 347 9.36 27.53 -25.74
N GLY A 348 9.91 28.74 -25.90
CA GLY A 348 9.12 29.94 -25.61
C GLY A 348 8.09 30.23 -26.68
N ASP A 349 8.35 29.80 -27.91
CA ASP A 349 7.41 30.03 -29.00
C ASP A 349 6.15 29.18 -28.88
N VAL A 350 6.19 28.12 -28.09
CA VAL A 350 5.10 27.16 -28.03
C VAL A 350 4.34 27.19 -26.70
N LEU A 351 4.95 27.67 -25.63
CA LEU A 351 4.33 27.71 -24.32
C LEU A 351 4.14 29.14 -23.87
N SER A 352 3.02 29.41 -23.21
CA SER A 352 2.77 30.73 -22.64
C SER A 352 3.78 31.04 -21.54
N GLU A 353 3.79 32.29 -21.10
CA GLU A 353 4.60 32.66 -19.96
C GLU A 353 4.13 31.92 -18.71
N GLU A 354 2.82 31.97 -18.44
CA GLU A 354 2.28 31.27 -17.28
C GLU A 354 2.52 29.76 -17.35
N GLN A 355 2.51 29.19 -18.56
CA GLN A 355 2.73 27.76 -18.71
C GLN A 355 4.15 27.38 -18.30
N ILE A 356 5.15 28.15 -18.76
CA ILE A 356 6.52 27.87 -18.39
C ILE A 356 6.74 28.14 -16.91
N ASN A 357 6.10 29.17 -16.37
CA ASN A 357 6.25 29.50 -14.96
C ASN A 357 5.78 28.35 -14.07
N GLU A 358 4.65 27.74 -14.42
CA GLU A 358 4.08 26.69 -13.58
C GLU A 358 4.81 25.36 -13.71
N CYS A 359 5.52 25.14 -14.83
CA CYS A 359 6.38 23.98 -14.91
C CYS A 359 7.55 24.10 -13.94
N GLN A 360 7.92 25.33 -13.58
CA GLN A 360 9.05 25.54 -12.67
C GLN A 360 8.65 25.31 -11.22
N GLU A 361 7.45 25.73 -10.82
CA GLU A 361 7.00 25.50 -9.45
C GLU A 361 6.74 24.01 -9.21
N LEU A 362 6.13 23.33 -10.16
CA LEU A 362 5.83 21.91 -10.04
C LEU A 362 6.98 21.03 -10.49
N GLY A 363 8.06 21.61 -11.02
CA GLY A 363 9.23 20.85 -11.42
C GLY A 363 8.98 19.91 -12.58
N VAL A 364 8.37 20.41 -13.64
CA VAL A 364 8.02 19.62 -14.82
C VAL A 364 9.09 19.83 -15.88
N LEU A 365 9.54 18.74 -16.49
CA LEU A 365 10.53 18.82 -17.55
C LEU A 365 9.86 19.17 -18.88
N VAL A 366 10.60 19.89 -19.73
CA VAL A 366 10.11 20.32 -21.03
C VAL A 366 11.11 19.90 -22.09
N ASP A 367 10.63 19.21 -23.12
CA ASP A 367 11.44 18.86 -24.28
C ASP A 367 10.66 19.20 -25.54
N ARG A 368 11.37 19.26 -26.67
CA ARG A 368 10.77 19.67 -27.92
C ARG A 368 11.13 18.69 -29.03
N ASP A 369 10.10 18.10 -29.64
CA ASP A 369 10.22 17.46 -30.93
C ASP A 369 9.89 18.48 -32.02
N ASP A 370 10.24 18.12 -33.26
CA ASP A 370 9.93 19.02 -34.38
C ASP A 370 8.43 19.24 -34.53
N GLN A 371 7.62 18.30 -34.04
CA GLN A 371 6.18 18.35 -34.21
C GLN A 371 5.43 18.89 -32.99
N GLY A 372 5.94 18.67 -31.78
CA GLY A 372 5.24 19.12 -30.58
C GLY A 372 6.13 19.15 -29.37
N VAL A 373 5.58 19.70 -28.29
CA VAL A 373 6.28 19.84 -27.02
C VAL A 373 5.78 18.79 -26.05
N LEU A 374 6.69 18.29 -25.21
CA LEU A 374 6.38 17.26 -24.22
C LEU A 374 6.68 17.80 -22.83
N LEU A 375 5.65 17.97 -22.02
CA LEU A 375 5.81 18.28 -20.60
C LEU A 375 5.77 16.97 -19.82
N GLN A 376 6.81 16.71 -19.04
CA GLN A 376 6.90 15.45 -18.31
C GLN A 376 7.52 15.67 -16.94
N ILE A 377 7.16 14.81 -16.00
CA ILE A 377 7.74 14.80 -14.66
C ILE A 377 7.80 13.35 -14.20
N PHE A 378 8.79 13.05 -13.36
CA PHE A 378 9.00 11.69 -12.87
C PHE A 378 8.87 11.66 -11.35
N THR A 379 8.37 10.54 -10.85
CA THR A 379 8.27 10.31 -9.43
C THR A 379 9.54 9.64 -8.91
N LYS A 380 9.85 9.88 -7.64
CA LYS A 380 10.78 9.00 -6.96
C LYS A 380 10.17 7.61 -6.91
N PRO A 381 10.99 6.56 -6.88
CA PRO A 381 10.46 5.19 -6.98
C PRO A 381 9.34 4.93 -5.98
N VAL A 382 8.23 4.41 -6.48
CA VAL A 382 7.03 4.27 -5.66
C VAL A 382 7.18 3.12 -4.68
N GLY A 383 7.95 2.09 -5.03
CA GLY A 383 8.20 0.99 -4.14
C GLY A 383 9.34 1.29 -3.18
N ASP A 384 9.69 0.31 -2.38
CA ASP A 384 10.81 0.52 -1.42
C ASP A 384 12.12 0.49 -2.18
N ARG A 385 12.15 -0.19 -3.32
CA ARG A 385 13.40 -0.33 -4.09
C ARG A 385 13.50 0.75 -5.16
N PRO A 386 14.67 1.25 -5.47
CA PRO A 386 14.63 2.28 -6.51
C PRO A 386 14.40 1.63 -7.83
N THR A 387 13.25 1.00 -7.98
CA THR A 387 12.94 0.32 -9.19
C THR A 387 11.84 1.01 -9.93
N PHE A 388 10.66 0.40 -9.95
CA PHE A 388 9.50 0.95 -10.69
C PHE A 388 9.22 2.39 -10.28
N PHE A 389 9.03 3.26 -11.27
CA PHE A 389 8.68 4.67 -10.98
C PHE A 389 7.61 5.04 -11.96
N LEU A 390 7.07 6.25 -11.83
CA LEU A 390 5.98 6.64 -12.70
C LEU A 390 6.30 7.96 -13.40
N GLU A 391 5.76 8.10 -14.61
CA GLU A 391 6.01 9.26 -15.45
C GLU A 391 4.67 9.92 -15.80
N MET A 392 4.56 11.22 -15.52
CA MET A 392 3.37 12.00 -15.82
C MET A 392 3.70 12.97 -16.95
N ILE A 393 3.05 12.78 -18.10
CA ILE A 393 3.36 13.59 -19.28
C ILE A 393 2.08 14.18 -19.87
N GLN A 394 2.28 15.19 -20.72
CA GLN A 394 1.24 15.73 -21.58
C GLN A 394 1.88 16.12 -22.90
N ARG A 395 1.28 15.70 -24.01
CA ARG A 395 1.77 16.02 -25.34
C ARG A 395 0.92 17.13 -25.96
N ILE A 396 1.57 17.99 -26.73
CA ILE A 396 0.93 19.17 -27.31
C ILE A 396 1.11 19.13 -28.83
N GLY A 397 -0.01 19.14 -29.54
CA GLY A 397 0.00 19.24 -30.98
C GLY A 397 -0.06 17.91 -31.69
N CYS A 398 0.43 17.91 -32.93
CA CYS A 398 0.54 16.73 -33.77
C CYS A 398 -0.83 16.10 -34.04
N MET A 399 -1.76 16.91 -34.52
CA MET A 399 -3.11 16.44 -34.80
C MET A 399 -3.55 16.84 -36.20
N GLU A 400 -4.22 15.92 -36.89
CA GLU A 400 -4.72 16.17 -38.23
C GLU A 400 -5.99 15.35 -38.45
N LYS A 401 -6.89 15.89 -39.25
CA LYS A 401 -8.16 15.23 -39.52
C LYS A 401 -8.02 14.15 -40.59
N ASP A 402 -7.07 13.25 -40.40
CA ASP A 402 -6.79 12.22 -41.39
C ASP A 402 -8.00 11.30 -41.56
N GLU A 403 -8.21 10.87 -42.80
CA GLU A 403 -9.30 9.96 -43.17
C GLU A 403 -10.66 10.57 -42.90
N SER A 404 -11.37 10.06 -41.88
CA SER A 404 -12.74 10.46 -41.63
C SER A 404 -12.84 11.94 -41.31
N GLY A 405 -11.98 12.43 -40.42
CA GLY A 405 -12.00 13.84 -40.06
C GLY A 405 -11.82 14.08 -38.57
N GLN A 406 -11.66 13.01 -37.80
CA GLN A 406 -11.46 13.13 -36.37
C GLN A 406 -10.11 13.79 -36.09
N GLU A 407 -9.99 14.37 -34.89
CA GLU A 407 -8.83 15.20 -34.56
C GLU A 407 -7.55 14.38 -34.55
N TYR A 408 -7.56 13.24 -33.85
CA TYR A 408 -6.41 12.36 -33.71
C TYR A 408 -5.24 13.05 -33.01
N GLN A 409 -4.18 12.29 -32.74
CA GLN A 409 -2.96 12.85 -32.17
C GLN A 409 -1.82 11.89 -32.48
N LYS A 410 -0.81 12.37 -33.19
CA LYS A 410 0.31 11.51 -33.58
C LYS A 410 1.01 10.97 -32.34
N GLY A 411 1.21 9.66 -32.31
CA GLY A 411 1.91 9.04 -31.20
C GLY A 411 3.34 9.57 -31.07
N GLY A 412 3.84 9.58 -29.85
CA GLY A 412 5.16 10.11 -29.59
C GLY A 412 5.31 11.59 -29.85
N CYS A 413 4.19 12.32 -29.88
CA CYS A 413 4.21 13.77 -30.07
C CYS A 413 5.02 14.44 -28.97
N GLY A 414 6.19 14.96 -29.32
CA GLY A 414 7.12 15.49 -28.36
C GLY A 414 8.25 14.56 -27.99
N GLY A 415 8.14 13.28 -28.36
CA GLY A 415 9.18 12.31 -28.07
C GLY A 415 9.05 11.68 -26.70
N PHE A 416 10.19 11.40 -26.06
CA PHE A 416 10.20 10.75 -24.75
C PHE A 416 11.10 11.48 -23.77
N GLY A 417 11.40 12.76 -24.02
CA GLY A 417 12.25 13.52 -23.13
C GLY A 417 13.71 13.15 -23.20
N LYS A 418 14.20 12.75 -24.38
CA LYS A 418 15.60 12.40 -24.51
C LYS A 418 16.52 13.61 -24.35
N GLY A 419 16.01 14.80 -24.67
CA GLY A 419 16.85 15.98 -24.57
C GLY A 419 17.04 16.50 -23.17
N ASN A 420 16.40 15.89 -22.17
CA ASN A 420 16.54 16.33 -20.80
C ASN A 420 17.69 15.67 -20.06
N PHE A 421 18.14 14.50 -20.52
CA PHE A 421 19.37 13.92 -19.98
C PHE A 421 20.53 14.90 -20.11
N SER A 422 20.68 15.50 -21.29
CA SER A 422 21.74 16.47 -21.50
C SER A 422 21.40 17.82 -20.86
N GLU A 423 20.15 18.26 -21.01
CA GLU A 423 19.76 19.58 -20.53
C GLU A 423 19.86 19.67 -19.00
N LEU A 424 19.49 18.59 -18.30
CA LEU A 424 19.64 18.60 -16.85
C LEU A 424 21.10 18.49 -16.44
N PHE A 425 21.93 17.84 -17.25
CA PHE A 425 23.35 17.75 -16.94
C PHE A 425 24.00 19.13 -16.86
N LYS A 426 23.82 19.94 -17.90
CA LYS A 426 24.42 21.26 -17.92
C LYS A 426 23.86 22.14 -16.80
N SER A 427 22.58 21.98 -16.49
CA SER A 427 21.94 22.83 -15.48
C SER A 427 22.48 22.55 -14.09
N ILE A 428 22.89 21.31 -13.82
CA ILE A 428 23.51 21.01 -12.53
C ILE A 428 24.90 21.60 -12.45
N GLU A 429 25.68 21.48 -13.54
CA GLU A 429 27.02 22.05 -13.55
C GLU A 429 26.98 23.58 -13.47
N GLU A 430 26.03 24.20 -14.18
CA GLU A 430 25.87 25.65 -14.10
C GLU A 430 25.45 26.08 -12.70
N TYR A 431 24.62 25.26 -12.04
CA TYR A 431 24.22 25.56 -10.67
C TYR A 431 25.33 25.23 -9.68
N GLU A 432 26.15 24.23 -9.98
CA GLU A 432 27.32 23.91 -9.15
C GLU A 432 28.50 24.82 -9.54
N LYS A 433 28.27 26.11 -9.41
CA LYS A 433 29.28 27.11 -9.75
C LYS A 433 29.52 28.06 -8.57
N ALA B 37 -8.85 -4.62 41.63
CA ALA B 37 -7.68 -4.81 42.48
C ALA B 37 -6.54 -5.48 41.71
N ASN B 38 -5.86 -4.70 40.88
CA ASN B 38 -4.75 -5.25 40.11
C ASN B 38 -3.58 -5.55 41.06
N PRO B 39 -2.87 -6.66 40.84
CA PRO B 39 -1.77 -7.01 41.76
C PRO B 39 -0.52 -6.19 41.57
N ARG B 40 -0.39 -5.47 40.44
CA ARG B 40 0.86 -4.79 40.10
C ARG B 40 2.04 -5.76 40.13
N SER B 41 1.81 -6.95 39.59
CA SER B 41 2.77 -8.05 39.66
C SER B 41 3.63 -8.14 38.40
N ASP B 42 3.71 -7.07 37.63
CA ASP B 42 4.50 -7.07 36.39
C ASP B 42 5.97 -7.30 36.72
N ARG B 43 6.59 -8.22 35.99
CA ARG B 43 7.97 -8.61 36.24
C ARG B 43 8.99 -7.68 35.60
N PHE B 44 8.55 -6.70 34.81
CA PHE B 44 9.45 -5.71 34.25
C PHE B 44 8.68 -4.40 34.06
N GLN B 45 9.40 -3.29 34.22
CA GLN B 45 8.79 -1.97 34.11
C GLN B 45 8.32 -1.69 32.69
N ALA B 46 7.10 -2.13 32.36
CA ALA B 46 6.50 -1.88 31.06
C ALA B 46 5.81 -0.53 31.11
N LEU B 47 6.45 0.50 30.57
CA LEU B 47 5.92 1.85 30.68
C LEU B 47 4.75 2.05 29.73
N ALA B 48 4.99 1.99 28.43
CA ALA B 48 3.94 2.25 27.45
C ALA B 48 4.30 1.56 26.14
N PHE B 49 3.35 1.60 25.20
CA PHE B 49 3.59 1.08 23.86
C PHE B 49 4.63 1.94 23.16
N HIS B 50 5.70 1.31 22.68
CA HIS B 50 6.75 2.04 21.95
C HIS B 50 6.37 2.17 20.48
N HIS B 51 6.45 1.06 19.75
CA HIS B 51 6.05 1.03 18.35
C HIS B 51 5.38 -0.29 18.04
N VAL B 52 4.68 -0.33 16.91
CA VAL B 52 4.08 -1.55 16.38
C VAL B 52 4.67 -1.77 15.00
N GLU B 53 5.42 -2.85 14.84
CA GLU B 53 6.08 -3.16 13.57
C GLU B 53 5.18 -4.04 12.73
N LEU B 54 4.85 -3.55 11.54
CA LEU B 54 4.19 -4.36 10.52
C LEU B 54 5.21 -4.85 9.51
N TRP B 55 4.91 -5.98 8.88
CA TRP B 55 5.78 -6.57 7.88
C TRP B 55 5.00 -6.77 6.59
N CYS B 56 5.53 -6.24 5.48
CA CYS B 56 4.88 -6.36 4.19
C CYS B 56 5.88 -6.73 3.11
N ALA B 57 5.46 -6.68 1.85
CA ALA B 57 6.38 -6.83 0.73
C ALA B 57 6.81 -5.49 0.14
N ASP B 58 6.08 -4.42 0.45
CA ASP B 58 6.46 -3.07 0.02
C ASP B 58 6.07 -2.13 1.16
N ALA B 59 7.04 -1.79 2.01
CA ALA B 59 6.79 -0.91 3.15
C ALA B 59 6.47 0.52 2.75
N ALA B 60 6.74 0.91 1.51
CA ALA B 60 6.40 2.26 1.06
C ALA B 60 4.92 2.38 0.73
N SER B 61 4.34 1.33 0.15
CA SER B 61 2.92 1.37 -0.20
C SER B 61 2.05 1.32 1.05
N ALA B 62 2.32 0.36 1.95
CA ALA B 62 1.52 0.23 3.16
C ALA B 62 1.64 1.47 4.05
N ALA B 63 2.87 1.94 4.26
CA ALA B 63 3.06 3.17 5.02
C ALA B 63 2.47 4.36 4.28
N GLY B 64 2.56 4.36 2.95
CA GLY B 64 1.96 5.43 2.18
C GLY B 64 0.45 5.49 2.35
N ARG B 65 -0.20 4.33 2.32
CA ARG B 65 -1.66 4.30 2.52
C ARG B 65 -2.02 4.67 3.95
N PHE B 66 -1.33 4.08 4.93
CA PHE B 66 -1.59 4.38 6.33
C PHE B 66 -1.31 5.83 6.69
N ALA B 67 -0.52 6.53 5.87
CA ALA B 67 -0.17 7.91 6.18
C ALA B 67 -1.40 8.81 6.09
N PHE B 68 -2.05 8.83 4.92
CA PHE B 68 -3.22 9.69 4.75
C PHE B 68 -4.48 9.07 5.36
N ALA B 69 -4.53 7.74 5.46
CA ALA B 69 -5.71 7.08 6.02
C ALA B 69 -5.83 7.36 7.51
N LEU B 70 -4.72 7.25 8.24
CA LEU B 70 -4.71 7.51 9.67
C LEU B 70 -4.43 8.96 10.01
N GLY B 71 -3.79 9.70 9.12
CA GLY B 71 -3.39 11.05 9.43
C GLY B 71 -2.20 11.09 10.38
N ALA B 72 -1.15 10.36 10.02
CA ALA B 72 0.10 10.35 10.78
C ALA B 72 1.26 10.41 9.79
N PRO B 73 1.98 11.54 9.73
CA PRO B 73 2.98 11.72 8.68
C PRO B 73 4.18 10.82 8.89
N LEU B 74 4.95 10.68 7.81
CA LEU B 74 6.22 9.96 7.87
C LEU B 74 7.18 10.67 8.80
N ALA B 75 7.64 9.96 9.84
CA ALA B 75 8.46 10.56 10.88
C ALA B 75 9.89 10.05 10.90
N ALA B 76 10.15 8.84 10.42
CA ALA B 76 11.50 8.30 10.41
C ALA B 76 11.59 7.26 9.30
N ARG B 77 12.83 7.02 8.85
CA ARG B 77 13.06 6.09 7.76
C ARG B 77 14.45 5.46 7.88
N SER B 78 14.54 4.17 7.56
CA SER B 78 15.79 3.43 7.53
C SER B 78 15.79 2.63 6.23
N ASP B 79 16.27 3.26 5.15
CA ASP B 79 16.19 2.68 3.82
C ASP B 79 17.57 2.83 3.19
N LEU B 80 17.65 2.61 1.88
CA LEU B 80 18.87 2.86 1.14
C LEU B 80 19.26 4.33 1.17
N SER B 81 18.29 5.22 1.42
CA SER B 81 18.61 6.64 1.60
C SER B 81 19.38 6.90 2.89
N THR B 82 19.38 5.95 3.83
CA THR B 82 20.09 6.09 5.09
C THR B 82 21.25 5.10 5.21
N GLY B 83 21.70 4.53 4.10
CA GLY B 83 22.78 3.55 4.15
C GLY B 83 22.36 2.18 4.62
N ASN B 84 21.06 1.89 4.65
CA ASN B 84 20.55 0.57 5.02
C ASN B 84 20.30 -0.25 3.76
N SER B 85 21.06 -1.33 3.60
CA SER B 85 20.93 -2.20 2.45
C SER B 85 20.16 -3.48 2.75
N ALA B 86 19.82 -3.73 4.02
CA ALA B 86 19.16 -4.97 4.40
C ALA B 86 17.64 -4.87 4.35
N HIS B 87 17.07 -3.74 4.74
CA HIS B 87 15.63 -3.60 4.78
C HIS B 87 15.26 -2.13 4.66
N ALA B 88 14.01 -1.91 4.21
CA ALA B 88 13.42 -0.58 4.12
C ALA B 88 12.40 -0.44 5.24
N SER B 89 12.68 0.45 6.19
CA SER B 89 11.79 0.68 7.32
C SER B 89 11.33 2.14 7.32
N LEU B 90 10.04 2.35 7.54
CA LEU B 90 9.46 3.67 7.62
C LEU B 90 8.50 3.71 8.81
N LEU B 91 8.43 4.87 9.46
CA LEU B 91 7.66 5.02 10.70
C LEU B 91 6.73 6.22 10.58
N LEU B 92 5.43 5.94 10.52
CA LEU B 92 4.44 6.99 10.75
C LEU B 92 4.25 7.20 12.24
N ARG B 93 3.98 8.44 12.63
CA ARG B 93 3.78 8.75 14.03
C ARG B 93 2.76 9.87 14.17
N SER B 94 1.87 9.72 15.15
CA SER B 94 0.88 10.74 15.51
C SER B 94 0.95 10.89 17.02
N ALA B 95 1.82 11.78 17.49
CA ALA B 95 2.15 11.93 18.91
C ALA B 95 2.81 10.66 19.43
N SER B 96 2.12 9.83 20.20
CA SER B 96 2.71 8.66 20.83
C SER B 96 2.47 7.36 20.05
N VAL B 97 1.39 7.28 19.18
CA VAL B 97 1.21 6.10 18.33
C VAL B 97 2.23 6.14 17.20
N ALA B 98 2.95 5.03 17.03
CA ALA B 98 4.05 4.97 16.05
C ALA B 98 3.97 3.62 15.33
N PHE B 99 3.43 3.64 14.11
CA PHE B 99 3.42 2.45 13.28
C PHE B 99 4.74 2.31 12.53
N LEU B 100 5.24 1.09 12.45
CA LEU B 100 6.49 0.79 11.75
C LEU B 100 6.21 -0.20 10.65
N PHE B 101 6.73 0.08 9.45
CA PHE B 101 6.53 -0.76 8.27
C PHE B 101 7.90 -1.17 7.75
N THR B 102 8.20 -2.47 7.84
CA THR B 102 9.52 -2.99 7.53
C THR B 102 9.41 -4.05 6.44
N ALA B 103 10.02 -3.78 5.29
CA ALA B 103 10.10 -4.70 4.17
C ALA B 103 11.56 -4.95 3.83
N PRO B 104 11.87 -6.10 3.20
CA PRO B 104 13.27 -6.37 2.85
C PRO B 104 13.64 -5.85 1.46
N TYR B 105 14.89 -6.07 1.07
CA TYR B 105 15.38 -5.60 -0.23
C TYR B 105 15.67 -6.75 -1.18
N GLY B 112 20.37 -8.18 2.68
CA GLY B 112 20.74 -8.35 1.29
C GLY B 112 21.84 -9.38 1.07
N ALA B 113 22.98 -9.18 1.73
CA ALA B 113 24.12 -10.07 1.61
C ALA B 113 24.75 -10.20 2.99
N ASP B 114 26.04 -10.56 3.03
CA ASP B 114 26.73 -10.69 4.30
C ASP B 114 27.05 -9.31 4.89
N ALA B 115 27.64 -8.43 4.08
CA ALA B 115 27.92 -7.06 4.51
C ALA B 115 26.64 -6.23 4.70
N ALA B 116 25.47 -6.86 4.67
CA ALA B 116 24.21 -6.16 4.87
C ALA B 116 23.99 -6.01 6.36
N THR B 117 25.09 -5.81 7.10
CA THR B 117 24.99 -5.50 8.52
C THR B 117 24.43 -4.11 8.77
N THR B 118 24.06 -3.38 7.71
CA THR B 118 23.48 -2.06 7.70
C THR B 118 22.05 -2.01 8.19
N ALA B 119 21.51 -3.13 8.67
CA ALA B 119 20.13 -3.16 9.14
C ALA B 119 20.01 -2.35 10.43
N SER B 120 19.03 -1.44 10.47
CA SER B 120 18.75 -0.71 11.69
C SER B 120 18.23 -1.65 12.77
N ILE B 121 17.16 -2.37 12.47
CA ILE B 121 16.64 -3.41 13.36
C ILE B 121 17.53 -4.64 13.24
N PRO B 122 18.18 -5.09 14.32
CA PRO B 122 18.91 -6.37 14.25
C PRO B 122 18.00 -7.59 14.35
N SER B 123 16.82 -7.46 14.98
CA SER B 123 15.84 -8.55 15.02
C SER B 123 15.08 -8.69 13.71
N PHE B 124 15.79 -8.61 12.59
CA PHE B 124 15.17 -8.67 11.27
C PHE B 124 15.82 -9.77 10.44
N SER B 125 14.98 -10.51 9.71
CA SER B 125 15.44 -11.58 8.84
C SER B 125 14.74 -11.44 7.49
N PRO B 126 15.48 -11.47 6.38
CA PRO B 126 14.81 -11.40 5.08
C PRO B 126 13.95 -12.62 4.80
N GLY B 127 14.44 -13.82 5.12
CA GLY B 127 13.64 -15.02 4.93
C GLY B 127 12.37 -15.01 5.77
N ALA B 128 12.48 -14.58 7.04
CA ALA B 128 11.30 -14.51 7.89
C ALA B 128 10.35 -13.41 7.45
N ALA B 129 10.88 -12.30 6.93
CA ALA B 129 10.02 -11.21 6.48
C ALA B 129 9.25 -11.59 5.22
N ARG B 130 9.90 -12.25 4.28
CA ARG B 130 9.19 -12.73 3.08
C ARG B 130 8.27 -13.89 3.43
N ARG B 131 8.69 -14.75 4.35
CA ARG B 131 7.82 -15.81 4.85
C ARG B 131 6.56 -15.23 5.48
N PHE B 132 6.73 -14.16 6.27
CA PHE B 132 5.60 -13.56 6.98
C PHE B 132 4.65 -12.86 6.00
N ALA B 133 5.20 -12.22 4.97
CA ALA B 133 4.35 -11.49 4.03
C ALA B 133 3.53 -12.43 3.16
N ALA B 134 4.01 -13.66 2.95
CA ALA B 134 3.26 -14.62 2.16
C ALA B 134 2.17 -15.31 2.97
N ASP B 135 2.41 -15.55 4.27
CA ASP B 135 1.44 -16.27 5.08
C ASP B 135 0.24 -15.38 5.44
N HIS B 136 0.50 -14.13 5.82
CA HIS B 136 -0.52 -13.30 6.45
C HIS B 136 -0.82 -12.01 5.72
N GLY B 137 -0.18 -11.74 4.58
CA GLY B 137 -0.35 -10.44 3.94
C GLY B 137 0.22 -9.33 4.81
N LEU B 138 -0.49 -8.21 4.85
CA LEU B 138 -0.09 -7.09 5.71
C LEU B 138 -0.61 -7.36 7.11
N ALA B 139 0.26 -7.88 7.98
CA ALA B 139 -0.10 -8.21 9.34
C ALA B 139 0.98 -7.71 10.29
N VAL B 140 0.59 -7.55 11.56
CA VAL B 140 1.52 -7.08 12.57
C VAL B 140 2.53 -8.17 12.89
N HIS B 141 3.80 -7.80 12.94
CA HIS B 141 4.86 -8.74 13.32
C HIS B 141 5.41 -8.51 14.72
N ALA B 142 5.43 -7.26 15.19
CA ALA B 142 6.01 -6.95 16.49
C ALA B 142 5.16 -5.92 17.21
N VAL B 143 4.96 -6.13 18.50
CA VAL B 143 4.32 -5.15 19.39
C VAL B 143 5.39 -4.76 20.40
N ALA B 144 6.00 -3.59 20.20
CA ALA B 144 7.13 -3.16 21.03
C ALA B 144 6.64 -2.33 22.21
N LEU B 145 7.19 -2.62 23.39
CA LEU B 145 6.87 -1.90 24.62
C LEU B 145 8.11 -1.19 25.12
N ARG B 146 7.90 -0.11 25.89
CA ARG B 146 9.01 0.59 26.50
C ARG B 146 9.40 -0.09 27.81
N VAL B 147 10.70 -0.22 28.03
CA VAL B 147 11.24 -0.99 29.14
C VAL B 147 12.37 -0.18 29.79
N ALA B 148 12.56 -0.40 31.10
CA ALA B 148 13.69 0.20 31.80
C ALA B 148 15.01 -0.18 31.14
N ASP B 149 15.26 -1.49 30.98
CA ASP B 149 16.48 -1.97 30.34
C ASP B 149 16.16 -3.20 29.52
N ALA B 150 16.75 -3.27 28.32
CA ALA B 150 16.43 -4.37 27.40
C ALA B 150 16.90 -5.72 27.94
N ALA B 151 18.06 -5.74 28.61
CA ALA B 151 18.60 -7.01 29.09
C ALA B 151 17.78 -7.59 30.23
N ASP B 152 17.21 -6.72 31.08
CA ASP B 152 16.49 -7.20 32.26
C ASP B 152 15.17 -7.84 31.88
N ALA B 153 14.31 -7.10 31.18
CA ALA B 153 12.98 -7.60 30.84
C ALA B 153 13.05 -8.90 30.04
N PHE B 154 14.06 -9.02 29.18
CA PHE B 154 14.25 -10.28 28.46
C PHE B 154 14.61 -11.40 29.43
N ARG B 155 15.60 -11.16 30.29
CA ARG B 155 16.01 -12.19 31.23
C ARG B 155 15.00 -12.38 32.36
N ALA B 156 14.24 -11.33 32.68
CA ALA B 156 13.14 -11.50 33.63
C ALA B 156 12.06 -12.42 33.06
N SER B 157 11.97 -12.50 31.73
CA SER B 157 11.02 -13.38 31.07
C SER B 157 11.63 -14.69 30.60
N VAL B 158 12.95 -14.75 30.42
CA VAL B 158 13.58 -15.97 29.93
C VAL B 158 13.48 -17.09 30.97
N ALA B 159 13.44 -16.73 32.25
CA ALA B 159 13.23 -17.71 33.30
C ALA B 159 11.78 -17.84 33.71
N ALA B 160 10.96 -16.84 33.39
CA ALA B 160 9.52 -16.88 33.67
C ALA B 160 8.74 -17.69 32.65
N GLY B 161 9.41 -18.28 31.66
CA GLY B 161 8.78 -19.19 30.72
C GLY B 161 8.71 -18.69 29.29
N ALA B 162 9.19 -17.48 29.00
CA ALA B 162 9.10 -16.94 27.66
C ALA B 162 10.13 -17.60 26.75
N ARG B 163 9.68 -18.18 25.66
CA ARG B 163 10.59 -18.70 24.64
C ARG B 163 11.24 -17.53 23.92
N PRO B 164 12.56 -17.44 23.89
CA PRO B 164 13.21 -16.26 23.31
C PRO B 164 13.12 -16.25 21.79
N ALA B 165 13.04 -15.04 21.24
CA ALA B 165 13.08 -14.81 19.80
C ALA B 165 14.30 -14.03 19.37
N PHE B 166 14.71 -13.02 20.15
CA PHE B 166 15.92 -12.26 19.85
C PHE B 166 16.51 -11.82 21.19
N GLN B 167 17.60 -12.47 21.59
CA GLN B 167 18.26 -12.12 22.85
C GLN B 167 18.81 -10.70 22.76
N PRO B 168 19.01 -10.04 23.92
CA PRO B 168 19.29 -8.60 23.91
C PRO B 168 20.51 -8.24 23.07
N ALA B 169 20.45 -7.03 22.50
CA ALA B 169 21.52 -6.49 21.70
C ALA B 169 21.62 -4.99 21.96
N ASP B 170 22.86 -4.49 22.02
CA ASP B 170 23.10 -3.08 22.29
C ASP B 170 23.14 -2.33 20.96
N LEU B 171 22.12 -1.50 20.73
CA LEU B 171 22.08 -0.68 19.52
C LEU B 171 23.04 0.49 19.58
N GLY B 172 23.75 0.69 20.69
CA GLY B 172 24.69 1.78 20.81
C GLY B 172 24.05 3.06 21.34
N GLY B 173 24.72 3.70 22.30
CA GLY B 173 24.27 4.98 22.82
C GLY B 173 22.93 4.94 23.52
N GLY B 174 22.77 4.04 24.48
CA GLY B 174 21.60 4.00 25.33
C GLY B 174 20.46 3.14 24.83
N PHE B 175 20.47 2.74 23.55
CA PHE B 175 19.38 1.95 22.99
C PHE B 175 19.70 0.47 23.08
N GLY B 176 18.72 -0.30 23.52
CA GLY B 176 18.83 -1.75 23.54
C GLY B 176 17.54 -2.39 23.08
N LEU B 177 17.68 -3.52 22.39
CA LEU B 177 16.54 -4.19 21.77
C LEU B 177 16.48 -5.64 22.23
N ALA B 178 15.25 -6.13 22.43
CA ALA B 178 15.02 -7.51 22.82
C ALA B 178 13.63 -7.93 22.34
N GLU B 179 13.45 -9.23 22.12
CA GLU B 179 12.20 -9.73 21.57
C GLU B 179 11.93 -11.13 22.09
N VAL B 180 10.68 -11.35 22.53
CA VAL B 180 10.19 -12.67 22.90
C VAL B 180 8.99 -13.00 22.03
N GLU B 181 8.54 -14.25 22.10
CA GLU B 181 7.66 -14.80 21.07
C GLU B 181 6.19 -14.42 21.24
N LEU B 182 5.75 -14.05 22.44
CA LEU B 182 4.35 -13.68 22.66
C LEU B 182 3.41 -14.79 22.22
N TYR B 183 2.63 -14.56 21.16
CA TYR B 183 1.75 -15.59 20.61
C TYR B 183 1.91 -15.66 19.10
N GLY B 184 1.84 -16.87 18.56
CA GLY B 184 1.93 -17.04 17.12
C GLY B 184 3.30 -16.64 16.60
N ASP B 185 3.29 -15.91 15.48
CA ASP B 185 4.51 -15.40 14.89
C ASP B 185 4.73 -13.91 15.17
N VAL B 186 3.73 -13.22 15.72
CA VAL B 186 3.97 -11.87 16.20
C VAL B 186 4.81 -11.95 17.47
N VAL B 187 5.68 -10.96 17.65
CA VAL B 187 6.62 -10.99 18.76
C VAL B 187 6.38 -9.78 19.67
N LEU B 188 6.65 -9.97 20.96
CA LEU B 188 6.68 -8.88 21.90
C LEU B 188 8.10 -8.34 21.97
N ARG B 189 8.26 -7.05 21.68
CA ARG B 189 9.57 -6.43 21.54
C ARG B 189 9.82 -5.46 22.68
N PHE B 190 11.03 -5.52 23.23
CA PHE B 190 11.44 -4.64 24.31
C PHE B 190 12.54 -3.71 23.82
N VAL B 191 12.36 -2.41 24.04
CA VAL B 191 13.31 -1.39 23.61
C VAL B 191 13.39 -0.31 24.67
N SER B 192 14.61 0.10 25.02
CA SER B 192 14.85 1.07 26.08
C SER B 192 15.65 2.25 25.55
N HIS B 193 15.59 3.35 26.27
CA HIS B 193 16.32 4.56 25.90
C HIS B 193 17.53 4.79 26.79
N ASP B 198 15.68 15.69 20.06
CA ASP B 198 15.90 14.78 21.17
C ASP B 198 16.43 13.44 20.65
N ALA B 199 16.16 12.36 21.38
CA ALA B 199 16.62 11.06 20.98
C ALA B 199 15.86 10.58 19.74
N PRO B 200 16.54 9.99 18.76
CA PRO B 200 15.84 9.47 17.58
C PRO B 200 14.98 8.27 17.91
N PHE B 201 14.23 7.77 16.92
CA PHE B 201 13.41 6.58 17.15
C PHE B 201 14.28 5.39 17.49
N LEU B 202 15.18 5.01 16.58
CA LEU B 202 16.16 3.96 16.81
C LEU B 202 17.43 4.34 16.09
N PRO B 203 18.58 3.80 16.51
CA PRO B 203 19.82 4.08 15.78
C PRO B 203 19.72 3.61 14.34
N GLY B 204 20.20 4.47 13.43
CA GLY B 204 20.09 4.23 12.01
C GLY B 204 18.87 4.85 11.36
N PHE B 205 17.97 5.43 12.14
CA PHE B 205 16.78 6.10 11.63
C PHE B 205 17.06 7.60 11.53
N GLU B 206 16.88 8.16 10.33
CA GLU B 206 16.94 9.60 10.15
C GLU B 206 15.52 10.16 10.18
N GLY B 207 15.38 11.35 10.74
CA GLY B 207 14.07 11.98 10.83
C GLY B 207 13.59 12.45 9.47
N VAL B 208 12.27 12.48 9.32
CA VAL B 208 11.62 12.93 8.09
C VAL B 208 10.90 14.24 8.37
N SER B 209 11.08 15.21 7.49
CA SER B 209 10.43 16.50 7.61
C SER B 209 9.42 16.68 6.49
N ASN B 210 8.27 17.27 6.81
CA ASN B 210 7.24 17.49 5.81
C ASN B 210 6.38 18.67 6.24
N PRO B 211 5.89 19.49 5.31
CA PRO B 211 5.05 20.62 5.70
C PRO B 211 3.58 20.27 5.78
N GLY B 212 3.18 19.18 5.12
CA GLY B 212 1.78 18.78 5.13
C GLY B 212 1.23 18.61 6.52
N ALA B 213 2.02 18.05 7.43
CA ALA B 213 1.66 17.94 8.84
C ALA B 213 0.29 17.30 9.02
N VAL B 214 -0.01 16.31 8.19
CA VAL B 214 -1.31 15.65 8.20
C VAL B 214 -1.49 14.92 9.53
N ASP B 215 -2.14 15.57 10.48
CA ASP B 215 -2.39 15.01 11.80
C ASP B 215 -3.90 14.95 12.02
N TYR B 216 -4.45 13.75 12.08
CA TYR B 216 -5.88 13.56 12.35
C TYR B 216 -6.14 13.33 13.83
N GLY B 217 -5.49 14.08 14.70
CA GLY B 217 -5.82 14.08 16.12
C GLY B 217 -5.63 12.76 16.84
N LEU B 218 -4.91 11.81 16.24
CA LEU B 218 -4.64 10.54 16.92
C LEU B 218 -3.52 10.72 17.92
N ARG B 219 -3.70 10.12 19.10
CA ARG B 219 -2.81 10.41 20.23
C ARG B 219 -2.04 9.19 20.71
N ARG B 220 -2.68 8.04 20.92
CA ARG B 220 -1.96 6.95 21.55
C ARG B 220 -2.53 5.59 21.16
N PHE B 221 -1.66 4.59 21.15
CA PHE B 221 -2.09 3.21 21.15
C PHE B 221 -2.87 2.91 22.44
N ASP B 222 -3.97 2.17 22.31
CA ASP B 222 -4.77 1.80 23.46
C ASP B 222 -4.63 0.32 23.80
N HIS B 223 -5.04 -0.57 22.89
CA HIS B 223 -4.90 -2.00 23.14
C HIS B 223 -4.59 -2.71 21.83
N VAL B 224 -3.84 -3.81 21.93
CA VAL B 224 -3.46 -4.63 20.80
C VAL B 224 -4.04 -6.01 21.01
N VAL B 225 -5.10 -6.33 20.27
CA VAL B 225 -5.83 -7.58 20.44
C VAL B 225 -5.25 -8.63 19.50
N GLY B 226 -5.13 -9.85 20.00
CA GLY B 226 -4.65 -10.96 19.21
C GLY B 226 -5.56 -12.15 19.30
N ASN B 227 -5.73 -12.84 18.17
CA ASN B 227 -6.57 -14.03 18.09
C ASN B 227 -5.69 -15.28 18.11
N VAL B 228 -6.06 -16.24 18.95
CA VAL B 228 -5.33 -17.49 19.08
C VAL B 228 -6.33 -18.65 19.10
N PRO B 229 -5.89 -19.86 18.72
CA PRO B 229 -6.80 -21.01 18.75
C PRO B 229 -7.34 -21.30 20.14
N GLU B 230 -6.46 -21.64 21.08
CA GLU B 230 -6.83 -21.91 22.46
C GLU B 230 -6.36 -20.76 23.34
N LEU B 231 -7.25 -20.28 24.21
CA LEU B 231 -6.96 -19.07 24.99
C LEU B 231 -6.16 -19.39 26.25
N ALA B 232 -6.57 -20.42 26.99
CA ALA B 232 -6.00 -20.71 28.31
C ALA B 232 -4.48 -20.87 28.30
N PRO B 233 -3.86 -21.65 27.38
CA PRO B 233 -2.40 -21.80 27.46
C PRO B 233 -1.64 -20.51 27.15
N VAL B 234 -2.04 -19.80 26.10
CA VAL B 234 -1.30 -18.61 25.70
C VAL B 234 -1.54 -17.47 26.69
N ALA B 235 -2.72 -17.43 27.33
CA ALA B 235 -2.95 -16.43 28.35
C ALA B 235 -2.09 -16.69 29.58
N ALA B 236 -2.01 -17.94 30.02
CA ALA B 236 -1.11 -18.29 31.12
C ALA B 236 0.35 -18.11 30.72
N TYR B 237 0.66 -18.27 29.44
CA TYR B 237 2.03 -18.04 28.98
C TYR B 237 2.39 -16.57 29.05
N ILE B 238 1.52 -15.70 28.53
CA ILE B 238 1.81 -14.27 28.51
C ILE B 238 1.76 -13.68 29.92
N SER B 239 0.72 -14.05 30.69
CA SER B 239 0.64 -13.58 32.07
C SER B 239 1.77 -14.13 32.92
N GLY B 240 2.29 -15.30 32.56
CA GLY B 240 3.38 -15.92 33.27
C GLY B 240 4.71 -15.25 33.07
N PHE B 241 5.07 -14.95 31.82
CA PHE B 241 6.38 -14.38 31.53
C PHE B 241 6.42 -12.86 31.66
N THR B 242 5.27 -12.19 31.65
CA THR B 242 5.21 -10.76 31.86
C THR B 242 4.89 -10.37 33.30
N GLY B 243 4.16 -11.21 34.02
CA GLY B 243 3.59 -10.81 35.27
C GLY B 243 2.35 -9.94 35.15
N PHE B 244 1.87 -9.73 33.92
CA PHE B 244 0.69 -8.91 33.71
C PHE B 244 -0.55 -9.63 34.24
N HIS B 245 -1.54 -8.83 34.62
CA HIS B 245 -2.76 -9.34 35.24
C HIS B 245 -3.92 -9.34 34.24
N GLU B 246 -5.04 -9.89 34.68
CA GLU B 246 -6.26 -9.87 33.89
C GLU B 246 -6.87 -8.46 33.96
N PHE B 247 -8.07 -8.30 33.42
CA PHE B 247 -8.74 -7.01 33.42
C PHE B 247 -10.22 -7.20 33.74
N ALA B 248 -10.74 -6.35 34.62
CA ALA B 248 -12.11 -6.48 35.09
C ALA B 248 -13.09 -5.62 34.27
N GLU B 249 -12.82 -4.33 34.15
CA GLU B 249 -13.71 -3.43 33.42
C GLU B 249 -13.46 -3.49 31.91
N GLU B 259 -24.42 -14.99 22.07
CA GLU B 259 -22.98 -14.67 21.99
C GLU B 259 -22.59 -14.51 20.52
N SER B 260 -21.81 -13.47 20.19
CA SER B 260 -21.35 -13.27 18.80
C SER B 260 -20.39 -14.40 18.42
N GLY B 261 -19.56 -14.83 19.36
CA GLY B 261 -18.67 -15.96 19.08
C GLY B 261 -17.24 -15.65 19.46
N LEU B 262 -17.04 -14.99 20.59
CA LEU B 262 -15.66 -14.73 21.03
C LEU B 262 -15.53 -14.97 22.53
N ASN B 263 -14.52 -15.71 22.96
CA ASN B 263 -14.25 -15.83 24.42
C ASN B 263 -13.10 -14.85 24.65
N SER B 264 -13.20 -13.95 25.64
CA SER B 264 -12.24 -12.88 25.76
C SER B 264 -11.42 -12.96 27.04
N VAL B 265 -10.25 -12.31 27.00
CA VAL B 265 -9.42 -12.05 28.17
C VAL B 265 -8.52 -10.88 27.81
N VAL B 266 -8.18 -10.06 28.80
CA VAL B 266 -7.41 -8.84 28.58
C VAL B 266 -6.27 -8.79 29.59
N LEU B 267 -5.04 -8.80 29.10
CA LEU B 267 -3.86 -8.62 29.93
C LEU B 267 -3.54 -7.13 30.04
N ALA B 268 -2.89 -6.76 31.14
CA ALA B 268 -2.56 -5.36 31.38
C ALA B 268 -1.45 -5.27 32.41
N ASN B 269 -0.69 -4.17 32.32
CA ASN B 269 0.40 -3.91 33.26
C ASN B 269 -0.18 -3.25 34.52
N ASN B 270 0.71 -2.81 35.42
CA ASN B 270 0.26 -2.20 36.66
C ASN B 270 -0.50 -0.91 36.43
N ALA B 271 0.04 -0.03 35.58
CA ALA B 271 -0.65 1.21 35.25
C ALA B 271 -1.84 0.98 34.33
N GLU B 272 -2.04 -0.25 33.83
CA GLU B 272 -3.14 -0.58 32.93
C GLU B 272 -3.11 0.25 31.66
N THR B 273 -1.92 0.68 31.26
CA THR B 273 -1.74 1.43 30.01
C THR B 273 -1.30 0.55 28.86
N VAL B 274 -0.62 -0.56 29.14
CA VAL B 274 -0.21 -1.52 28.11
C VAL B 274 -1.25 -2.63 28.12
N LEU B 275 -2.25 -2.52 27.26
CA LEU B 275 -3.35 -3.47 27.20
C LEU B 275 -3.10 -4.48 26.09
N LEU B 276 -3.16 -5.77 26.44
CA LEU B 276 -2.99 -6.86 25.48
C LEU B 276 -4.16 -7.83 25.63
N PRO B 277 -5.28 -7.55 24.97
CA PRO B 277 -6.39 -8.50 24.98
C PRO B 277 -6.12 -9.69 24.09
N LEU B 278 -6.62 -10.85 24.52
CA LEU B 278 -6.50 -12.09 23.76
C LEU B 278 -7.90 -12.60 23.40
N ASN B 279 -7.96 -13.43 22.36
CA ASN B 279 -9.22 -13.88 21.81
C ASN B 279 -9.15 -15.38 21.50
N GLU B 280 -10.32 -16.01 21.50
CA GLU B 280 -10.46 -17.39 21.06
C GLU B 280 -11.89 -17.59 20.58
N PRO B 281 -12.12 -18.49 19.62
CA PRO B 281 -13.46 -18.68 19.08
C PRO B 281 -14.27 -19.68 19.90
N VAL B 282 -15.56 -19.73 19.60
CA VAL B 282 -16.49 -20.67 20.22
C VAL B 282 -17.10 -21.50 19.10
N HIS B 283 -16.73 -22.78 19.04
CA HIS B 283 -17.14 -23.64 17.94
C HIS B 283 -18.58 -24.10 18.11
N GLY B 284 -19.18 -24.54 17.00
CA GLY B 284 -20.52 -25.07 16.98
C GLY B 284 -21.60 -24.09 16.59
N THR B 285 -21.26 -22.83 16.36
CA THR B 285 -22.27 -21.84 16.02
C THR B 285 -22.77 -22.05 14.59
N LYS B 286 -24.02 -21.62 14.35
CA LYS B 286 -24.59 -21.71 13.01
C LYS B 286 -23.77 -20.88 12.02
N ARG B 287 -23.46 -19.64 12.38
CA ARG B 287 -22.52 -18.80 11.65
C ARG B 287 -21.24 -18.74 12.46
N ARG B 288 -20.15 -19.26 11.89
CA ARG B 288 -18.92 -19.42 12.64
C ARG B 288 -18.34 -18.08 13.06
N SER B 289 -17.59 -18.10 14.16
CA SER B 289 -17.06 -16.88 14.75
C SER B 289 -16.13 -16.16 13.79
N GLN B 290 -16.06 -14.83 13.95
CA GLN B 290 -15.11 -14.04 13.17
C GLN B 290 -13.67 -14.26 13.61
N ILE B 291 -13.46 -14.83 14.79
CA ILE B 291 -12.12 -15.15 15.24
C ILE B 291 -11.58 -16.38 14.51
N GLN B 292 -12.44 -17.36 14.26
CA GLN B 292 -12.01 -18.57 13.57
C GLN B 292 -11.70 -18.28 12.10
N THR B 293 -12.59 -17.55 11.42
CA THR B 293 -12.32 -17.18 10.04
C THR B 293 -11.06 -16.33 9.93
N TYR B 294 -10.74 -15.55 10.95
CA TYR B 294 -9.45 -14.89 11.02
C TYR B 294 -8.32 -15.91 11.02
N LEU B 295 -8.36 -16.86 11.96
CA LEU B 295 -7.36 -17.91 12.02
C LEU B 295 -7.32 -18.75 10.75
N ASP B 296 -8.43 -18.80 10.01
CA ASP B 296 -8.43 -19.50 8.72
C ASP B 296 -7.66 -18.70 7.67
N HIS B 297 -7.90 -17.39 7.59
CA HIS B 297 -7.31 -16.57 6.55
C HIS B 297 -5.95 -16.02 6.95
N HIS B 298 -5.72 -15.73 8.23
CA HIS B 298 -4.39 -15.35 8.68
C HIS B 298 -3.41 -16.52 8.60
N GLY B 299 -3.91 -17.75 8.65
CA GLY B 299 -3.04 -18.91 8.68
C GLY B 299 -2.29 -19.01 9.97
N GLY B 300 -3.02 -19.07 11.09
CA GLY B 300 -2.42 -19.16 12.40
C GLY B 300 -2.77 -17.96 13.26
N PRO B 301 -2.35 -17.99 14.52
CA PRO B 301 -2.64 -16.87 15.43
C PRO B 301 -1.87 -15.62 15.04
N GLY B 302 -2.51 -14.48 15.27
CA GLY B 302 -1.89 -13.21 14.98
C GLY B 302 -2.61 -12.08 15.69
N VAL B 303 -2.24 -10.86 15.34
CA VAL B 303 -2.83 -9.66 15.93
C VAL B 303 -4.09 -9.32 15.15
N GLN B 304 -5.24 -9.43 15.81
CA GLN B 304 -6.52 -9.18 15.15
C GLN B 304 -6.66 -7.71 14.78
N HIS B 305 -6.72 -6.82 15.77
CA HIS B 305 -6.84 -5.40 15.51
C HIS B 305 -6.00 -4.64 16.53
N ILE B 306 -5.91 -3.33 16.30
CA ILE B 306 -5.18 -2.43 17.19
C ILE B 306 -6.04 -1.19 17.40
N ALA B 307 -6.14 -0.75 18.65
CA ALA B 307 -6.96 0.40 19.02
C ALA B 307 -6.11 1.66 19.04
N LEU B 308 -6.62 2.72 18.43
CA LEU B 308 -5.98 4.02 18.41
C LEU B 308 -6.85 5.01 19.16
N ALA B 309 -6.29 5.65 20.18
CA ALA B 309 -7.03 6.56 21.04
C ALA B 309 -6.86 7.99 20.57
N SER B 310 -7.96 8.71 20.46
CA SER B 310 -7.98 10.13 20.16
C SER B 310 -8.75 10.87 21.24
N ASP B 311 -8.67 12.20 21.20
CA ASP B 311 -9.37 13.05 22.14
C ASP B 311 -10.54 13.79 21.50
N ASP B 312 -10.77 13.60 20.21
CA ASP B 312 -11.94 14.10 19.52
C ASP B 312 -12.22 13.20 18.33
N VAL B 313 -12.43 11.91 18.61
CA VAL B 313 -12.56 10.90 17.56
C VAL B 313 -13.70 11.21 16.60
N LEU B 314 -14.59 12.14 16.96
CA LEU B 314 -15.61 12.60 16.03
C LEU B 314 -15.00 13.45 14.92
N GLY B 315 -14.24 14.48 15.30
CA GLY B 315 -13.59 15.30 14.30
C GLY B 315 -12.53 14.56 13.51
N THR B 316 -11.89 13.55 14.12
CA THR B 316 -10.88 12.78 13.41
C THR B 316 -11.54 11.81 12.43
N LEU B 317 -12.64 11.19 12.82
CA LEU B 317 -13.39 10.35 11.89
C LEU B 317 -13.89 11.15 10.70
N ARG B 318 -14.23 12.42 10.91
CA ARG B 318 -14.61 13.28 9.79
C ARG B 318 -13.45 13.46 8.82
N GLU B 319 -12.21 13.40 9.32
CA GLU B 319 -11.05 13.51 8.44
C GLU B 319 -10.71 12.16 7.81
N MET B 320 -10.81 11.08 8.58
CA MET B 320 -10.49 9.75 8.04
C MET B 320 -11.49 9.33 6.97
N ARG B 321 -12.78 9.55 7.21
CA ARG B 321 -13.79 9.21 6.22
C ARG B 321 -13.68 10.07 4.97
N ALA B 322 -13.07 11.25 5.07
CA ALA B 322 -12.87 12.08 3.90
C ALA B 322 -11.88 11.45 2.92
N ARG B 323 -10.96 10.62 3.43
CA ARG B 323 -9.99 9.93 2.60
C ARG B 323 -10.45 8.53 2.19
N SER B 324 -11.54 8.02 2.79
CA SER B 324 -11.98 6.67 2.50
C SER B 324 -12.35 6.49 1.03
N ALA B 325 -12.87 7.54 0.40
CA ALA B 325 -13.18 7.46 -1.03
C ALA B 325 -11.91 7.39 -1.88
N MET B 326 -10.84 8.04 -1.44
CA MET B 326 -9.60 8.03 -2.22
C MET B 326 -8.55 7.08 -1.65
N GLY B 327 -8.89 5.80 -1.53
CA GLY B 327 -7.94 4.82 -1.07
C GLY B 327 -7.74 4.73 0.42
N GLY B 328 -8.49 5.49 1.21
CA GLY B 328 -8.35 5.45 2.64
C GLY B 328 -8.95 4.20 3.27
N PHE B 329 -9.25 4.25 4.56
CA PHE B 329 -9.84 3.12 5.26
C PHE B 329 -11.36 3.21 5.16
N GLU B 330 -11.95 2.36 4.34
CA GLU B 330 -13.39 2.20 4.35
C GLU B 330 -13.81 1.62 5.70
N PHE B 331 -14.84 2.21 6.29
CA PHE B 331 -15.28 1.80 7.62
C PHE B 331 -16.46 0.83 7.52
N LEU B 332 -16.65 0.07 8.58
CA LEU B 332 -17.78 -0.86 8.66
C LEU B 332 -19.09 -0.08 8.58
N ALA B 333 -20.11 -0.76 8.06
CA ALA B 333 -21.41 -0.11 7.86
C ALA B 333 -21.93 0.46 9.17
N PRO B 334 -22.47 1.68 9.18
CA PRO B 334 -22.95 2.26 10.43
C PRO B 334 -24.12 1.46 10.98
N PRO B 335 -24.27 1.42 12.31
CA PRO B 335 -25.40 0.70 12.91
C PRO B 335 -26.72 1.29 12.46
N PRO B 336 -27.80 0.52 12.54
CA PRO B 336 -29.11 1.03 12.09
C PRO B 336 -29.53 2.23 12.92
N PRO B 337 -30.48 3.03 12.42
CA PRO B 337 -30.87 4.25 13.17
C PRO B 337 -31.37 3.96 14.57
N ASN B 338 -32.09 2.86 14.78
CA ASN B 338 -32.63 2.56 16.10
C ASN B 338 -31.56 2.11 17.08
N TYR B 339 -30.31 1.90 16.64
CA TYR B 339 -29.22 1.65 17.57
C TYR B 339 -28.91 2.90 18.39
N TYR B 340 -28.96 4.08 17.76
CA TYR B 340 -28.69 5.32 18.46
C TYR B 340 -29.87 5.80 19.28
N ASP B 341 -31.08 5.28 19.02
CA ASP B 341 -32.17 5.47 19.96
C ASP B 341 -31.83 4.84 21.30
N GLY B 342 -31.04 3.76 21.28
CA GLY B 342 -30.57 3.11 22.49
C GLY B 342 -29.51 3.90 23.21
N VAL B 343 -28.50 4.40 22.47
CA VAL B 343 -27.40 5.11 23.10
C VAL B 343 -27.87 6.41 23.77
N ARG B 344 -28.99 6.97 23.31
CA ARG B 344 -29.57 8.10 24.02
C ARG B 344 -30.20 7.67 25.34
N ARG B 345 -30.73 6.45 25.40
CA ARG B 345 -31.23 5.91 26.66
C ARG B 345 -30.10 5.44 27.56
N ARG B 346 -29.02 4.92 26.98
CA ARG B 346 -27.91 4.36 27.74
C ARG B 346 -26.90 5.43 28.17
N ALA B 347 -26.39 6.21 27.21
CA ALA B 347 -25.34 7.19 27.48
C ALA B 347 -25.82 8.63 27.33
N GLY B 348 -27.14 8.86 27.30
CA GLY B 348 -27.65 10.21 27.17
C GLY B 348 -27.29 11.12 28.32
N ASP B 349 -27.01 10.55 29.51
CA ASP B 349 -26.62 11.36 30.65
C ASP B 349 -25.17 11.84 30.56
N VAL B 350 -24.34 11.16 29.78
CA VAL B 350 -22.93 11.52 29.65
C VAL B 350 -22.73 12.29 28.35
N LEU B 351 -23.51 11.94 27.33
CA LEU B 351 -23.38 12.53 26.00
C LEU B 351 -24.64 13.35 25.70
N SER B 352 -24.47 14.63 25.44
CA SER B 352 -25.57 15.44 24.95
C SER B 352 -25.81 15.13 23.49
N GLU B 353 -26.98 15.54 22.99
CA GLU B 353 -27.45 15.12 21.67
C GLU B 353 -26.40 15.43 20.59
N GLU B 354 -25.91 16.67 20.56
CA GLU B 354 -24.97 17.08 19.51
C GLU B 354 -23.76 16.16 19.47
N GLN B 355 -23.26 15.73 20.63
CA GLN B 355 -22.16 14.78 20.66
C GLN B 355 -22.60 13.40 20.17
N ILE B 356 -23.86 13.03 20.46
CA ILE B 356 -24.38 11.76 19.97
C ILE B 356 -24.61 11.81 18.47
N ASN B 357 -25.12 12.94 17.98
CA ASN B 357 -25.45 13.05 16.56
C ASN B 357 -24.21 13.06 15.68
N GLU B 358 -23.08 13.57 16.20
CA GLU B 358 -21.83 13.42 15.49
C GLU B 358 -21.44 11.95 15.35
N CYS B 359 -21.79 11.13 16.34
CA CYS B 359 -21.54 9.69 16.24
C CYS B 359 -22.49 9.02 15.26
N GLN B 360 -23.67 9.60 15.05
CA GLN B 360 -24.71 8.93 14.26
C GLN B 360 -24.29 8.75 12.81
N GLU B 361 -23.87 9.84 12.16
CA GLU B 361 -23.49 9.75 10.75
C GLU B 361 -22.18 9.00 10.58
N LEU B 362 -21.17 9.35 11.40
CA LEU B 362 -19.87 8.70 11.32
C LEU B 362 -19.92 7.22 11.70
N GLY B 363 -21.02 6.76 12.31
CA GLY B 363 -21.14 5.37 12.65
C GLY B 363 -20.40 4.94 13.88
N VAL B 364 -20.10 5.86 14.80
CA VAL B 364 -19.36 5.53 16.00
C VAL B 364 -20.25 4.74 16.95
N LEU B 365 -19.66 3.73 17.60
CA LEU B 365 -20.38 2.91 18.56
C LEU B 365 -20.15 3.43 19.97
N VAL B 366 -21.11 3.15 20.85
CA VAL B 366 -21.10 3.66 22.21
C VAL B 366 -21.36 2.50 23.16
N ASP B 367 -20.45 2.29 24.11
CA ASP B 367 -20.59 1.25 25.12
C ASP B 367 -20.17 1.82 26.47
N ARG B 368 -20.76 1.28 27.53
CA ARG B 368 -20.59 1.86 28.87
C ARG B 368 -20.15 0.81 29.87
N ASP B 369 -19.19 1.19 30.71
CA ASP B 369 -19.00 0.59 32.02
C ASP B 369 -19.47 1.62 33.06
N ASP B 370 -19.19 1.34 34.33
CA ASP B 370 -19.70 2.23 35.37
C ASP B 370 -18.91 3.53 35.45
N GLN B 371 -17.60 3.47 35.20
CA GLN B 371 -16.71 4.61 35.35
C GLN B 371 -16.30 5.21 34.00
N GLY B 372 -17.27 5.40 33.12
CA GLY B 372 -17.01 6.07 31.86
C GLY B 372 -17.71 5.43 30.68
N VAL B 373 -17.66 6.09 29.52
CA VAL B 373 -18.27 5.61 28.30
C VAL B 373 -17.22 5.59 27.20
N LEU B 374 -17.28 4.59 26.33
CA LEU B 374 -16.26 4.32 25.32
C LEU B 374 -16.84 4.56 23.93
N LEU B 375 -16.43 5.64 23.28
CA LEU B 375 -16.70 5.82 21.87
C LEU B 375 -15.74 4.97 21.05
N GLN B 376 -16.27 4.24 20.07
CA GLN B 376 -15.43 3.35 19.27
C GLN B 376 -16.04 3.17 17.89
N ILE B 377 -15.18 2.91 16.91
CA ILE B 377 -15.60 2.56 15.56
C ILE B 377 -14.51 1.68 14.96
N PHE B 378 -14.94 0.68 14.19
CA PHE B 378 -14.03 -0.29 13.59
C PHE B 378 -13.93 -0.06 12.09
N THR B 379 -12.75 -0.28 11.55
CA THR B 379 -12.54 -0.22 10.12
C THR B 379 -12.79 -1.58 9.49
N LYS B 380 -12.90 -1.59 8.16
CA LYS B 380 -12.86 -2.83 7.42
C LYS B 380 -11.47 -3.44 7.55
N PRO B 381 -11.31 -4.74 7.24
CA PRO B 381 -9.96 -5.32 7.19
C PRO B 381 -9.04 -4.50 6.30
N VAL B 382 -8.04 -3.85 6.90
CA VAL B 382 -7.24 -2.87 6.17
C VAL B 382 -6.43 -3.56 5.07
N GLY B 383 -5.97 -4.78 5.35
CA GLY B 383 -5.26 -5.55 4.36
C GLY B 383 -6.20 -6.12 3.32
N ASP B 384 -5.67 -7.11 2.59
CA ASP B 384 -6.47 -7.78 1.56
C ASP B 384 -7.46 -8.76 2.18
N ARG B 385 -6.96 -9.70 2.97
CA ARG B 385 -7.80 -10.72 3.54
C ARG B 385 -8.54 -10.19 4.78
N PRO B 386 -9.71 -10.77 5.10
CA PRO B 386 -10.42 -10.37 6.32
C PRO B 386 -9.62 -10.71 7.57
N THR B 387 -8.59 -9.92 7.84
CA THR B 387 -7.62 -10.26 8.87
C THR B 387 -7.45 -9.14 9.88
N PHE B 388 -6.48 -8.27 9.62
CA PHE B 388 -6.14 -7.17 10.53
C PHE B 388 -6.94 -5.93 10.17
N PHE B 389 -7.55 -5.31 11.18
CA PHE B 389 -8.26 -4.05 11.01
C PHE B 389 -7.87 -3.13 12.17
N LEU B 390 -8.49 -1.96 12.21
CA LEU B 390 -8.10 -0.93 13.18
C LEU B 390 -9.33 -0.38 13.89
N GLU B 391 -9.16 -0.09 15.18
CA GLU B 391 -10.24 0.40 16.03
C GLU B 391 -9.91 1.82 16.48
N MET B 392 -10.78 2.77 16.13
CA MET B 392 -10.63 4.16 16.53
C MET B 392 -11.53 4.40 17.74
N ILE B 393 -10.94 4.82 18.87
CA ILE B 393 -11.68 4.96 20.12
C ILE B 393 -11.35 6.27 20.80
N GLN B 394 -12.22 6.65 21.73
CA GLN B 394 -12.03 7.78 22.63
C GLN B 394 -12.75 7.46 23.93
N ARG B 395 -12.04 7.60 25.06
CA ARG B 395 -12.56 7.23 26.36
C ARG B 395 -12.91 8.48 27.15
N ILE B 396 -14.12 8.52 27.70
CA ILE B 396 -14.65 9.68 28.41
C ILE B 396 -15.05 9.23 29.81
N GLY B 397 -14.17 9.43 30.78
CA GLY B 397 -14.50 9.13 32.15
C GLY B 397 -13.29 8.62 32.90
N CYS B 398 -13.49 8.44 34.22
CA CYS B 398 -12.50 7.86 35.13
C CYS B 398 -11.19 8.65 35.11
N MET B 399 -11.28 9.86 35.63
CA MET B 399 -10.10 10.69 35.90
C MET B 399 -9.81 10.69 37.39
N GLU B 400 -8.56 11.07 37.71
CA GLU B 400 -8.13 11.14 39.12
C GLU B 400 -6.79 11.89 39.21
N LYS B 401 -6.55 12.61 40.31
CA LYS B 401 -5.26 13.32 40.51
C LYS B 401 -4.54 12.58 41.63
N ASP B 402 -4.65 11.26 41.66
CA ASP B 402 -4.08 10.45 42.77
C ASP B 402 -2.57 10.31 42.62
N GLU B 403 -2.07 10.33 41.39
CA GLU B 403 -0.62 10.07 41.18
C GLU B 403 0.21 11.31 41.54
N SER B 404 0.25 11.68 42.82
CA SER B 404 1.12 12.82 43.23
C SER B 404 0.46 14.16 42.89
N GLY B 405 -0.75 14.13 42.33
CA GLY B 405 -1.43 15.36 41.90
C GLY B 405 -1.44 15.45 40.40
N GLN B 406 -0.51 14.75 39.74
CA GLN B 406 -0.54 14.72 38.26
C GLN B 406 -1.77 13.88 37.87
N GLU B 407 -2.71 14.47 37.13
CA GLU B 407 -3.92 13.70 36.86
C GLU B 407 -3.63 12.58 35.86
N TYR B 408 -4.49 11.57 35.89
CA TYR B 408 -4.40 10.48 34.92
C TYR B 408 -5.79 9.89 34.70
N GLN B 409 -5.90 9.05 33.69
CA GLN B 409 -7.13 8.32 33.40
C GLN B 409 -6.85 6.84 33.55
N LYS B 410 -7.60 6.18 34.43
CA LYS B 410 -7.42 4.74 34.66
C LYS B 410 -7.63 3.98 33.37
N GLY B 411 -6.60 3.24 32.95
CA GLY B 411 -6.64 2.49 31.71
C GLY B 411 -7.82 1.55 31.61
N GLY B 412 -8.28 1.28 30.38
CA GLY B 412 -9.44 0.45 30.20
C GLY B 412 -10.75 1.10 30.58
N CYS B 413 -10.78 2.42 30.76
CA CYS B 413 -12.02 3.10 31.10
C CYS B 413 -13.04 2.94 29.98
N GLY B 414 -14.25 2.56 30.35
CA GLY B 414 -15.30 2.29 29.39
C GLY B 414 -15.29 0.89 28.82
N GLY B 415 -14.35 0.05 29.23
CA GLY B 415 -14.30 -1.29 28.70
C GLY B 415 -13.72 -1.32 27.29
N PHE B 416 -14.16 -2.31 26.51
CA PHE B 416 -13.70 -2.46 25.13
C PHE B 416 -14.85 -2.66 24.16
N GLY B 417 -16.06 -2.26 24.56
CA GLY B 417 -17.20 -2.38 23.67
C GLY B 417 -17.80 -3.76 23.57
N LYS B 418 -17.64 -4.60 24.60
CA LYS B 418 -18.18 -5.95 24.54
C LYS B 418 -19.70 -5.95 24.50
N GLY B 419 -20.34 -4.95 25.12
CA GLY B 419 -21.79 -4.84 25.10
C GLY B 419 -22.38 -4.54 23.74
N ASN B 420 -21.57 -4.07 22.77
CA ASN B 420 -22.09 -3.77 21.45
C ASN B 420 -22.48 -5.02 20.68
N PHE B 421 -21.95 -6.18 21.04
CA PHE B 421 -22.43 -7.44 20.45
C PHE B 421 -23.91 -7.61 20.71
N SER B 422 -24.36 -7.26 21.91
CA SER B 422 -25.78 -7.40 22.26
C SER B 422 -26.61 -6.31 21.60
N GLU B 423 -26.29 -5.04 21.87
CA GLU B 423 -27.17 -3.95 21.45
C GLU B 423 -27.18 -3.76 19.95
N LEU B 424 -26.08 -4.09 19.26
CA LEU B 424 -26.07 -3.93 17.80
C LEU B 424 -26.88 -5.03 17.12
N PHE B 425 -26.64 -6.29 17.50
CA PHE B 425 -27.39 -7.39 16.90
C PHE B 425 -28.88 -7.24 17.12
N LYS B 426 -29.29 -6.79 18.31
CA LYS B 426 -30.71 -6.54 18.56
C LYS B 426 -31.22 -5.41 17.68
N SER B 427 -30.46 -4.32 17.57
CA SER B 427 -30.90 -3.20 16.74
C SER B 427 -30.91 -3.57 15.27
N ILE B 428 -30.07 -4.51 14.85
CA ILE B 428 -30.13 -5.00 13.48
C ILE B 428 -31.42 -5.78 13.26
N GLU B 429 -31.74 -6.68 14.19
CA GLU B 429 -32.98 -7.44 14.08
C GLU B 429 -34.19 -6.54 14.25
N GLU B 430 -34.12 -5.57 15.16
CA GLU B 430 -35.22 -4.62 15.31
C GLU B 430 -35.42 -3.78 14.05
N TYR B 431 -34.34 -3.47 13.34
CA TYR B 431 -34.45 -2.76 12.08
C TYR B 431 -34.86 -3.68 10.94
N GLU B 432 -34.42 -4.94 10.97
CA GLU B 432 -34.78 -5.88 9.92
C GLU B 432 -36.28 -6.15 9.89
N LYS B 433 -36.94 -6.07 11.04
CA LYS B 433 -38.39 -6.29 11.07
C LYS B 433 -39.13 -5.09 10.50
N SER B 434 -38.60 -3.88 10.72
CA SER B 434 -39.26 -2.67 10.27
C SER B 434 -39.17 -2.46 8.77
N LEU B 435 -38.65 -3.41 8.02
CA LEU B 435 -38.55 -3.30 6.57
C LEU B 435 -39.29 -4.44 5.89
#